data_4CO9
#
_entry.id   4CO9
#
_cell.length_a   73.710
_cell.length_b   66.020
_cell.length_c   83.760
_cell.angle_alpha   90.00
_cell.angle_beta   90.32
_cell.angle_gamma   90.00
#
_symmetry.space_group_name_H-M   'P 1 21 1'
#
loop_
_entity.id
_entity.type
_entity.pdbx_description
1 polymer 'KYNURENINE FORMAMIDASE'
2 non-polymer 'ZINC ION'
3 non-polymer 'MAGNESIUM ION'
4 non-polymer '1,4-DIETHYLENE DIOXIDE'
5 non-polymer ethanedial
6 water water
#
_entity_poly.entity_id   1
_entity_poly.type   'polypeptide(L)'
_entity_poly.pdbx_seq_one_letter_code
;GHMKTSKWIDISQPLNNDIATWPGDTPFSYEVLWSKEESGSVNVGKLTMSIHTGTHIDAPFHFDNDGKKVLDLDIQVYVG
PTRIIDVSNLESIGKKELEKFHLEGVERLLLRTSSHGKANEFPDIIPHLRADIAPFLSEKGIRLIGVDVPSVDPLDDKEL
AAHHQLFKHSIHILENVVLDHVADGDYELIALPLALSDADGSPVRAVIRPI
;
_entity_poly.pdbx_strand_id   A,B,C,D
#
loop_
_chem_comp.id
_chem_comp.type
_chem_comp.name
_chem_comp.formula
DIO non-polymer '1,4-DIETHYLENE DIOXIDE' 'C4 H8 O2'
GXT non-polymer ethanedial 'C2 H2 O2'
MG non-polymer 'MAGNESIUM ION' 'Mg 2'
ZN non-polymer 'ZINC ION' 'Zn 2'
#
# COMPACT_ATOMS: atom_id res chain seq x y z
N THR A 5 -12.52 -4.08 -21.83
CA THR A 5 -12.46 -2.60 -21.66
C THR A 5 -11.96 -2.13 -20.27
N SER A 6 -11.74 -3.03 -19.31
CA SER A 6 -11.21 -2.64 -17.98
C SER A 6 -9.92 -1.84 -18.13
N LYS A 7 -9.72 -0.83 -17.29
CA LYS A 7 -8.55 0.04 -17.40
C LYS A 7 -7.31 -0.60 -16.78
N TRP A 8 -6.16 -0.28 -17.35
CA TRP A 8 -4.87 -0.59 -16.77
C TRP A 8 -4.69 0.24 -15.52
N ILE A 9 -4.12 -0.39 -14.48
CA ILE A 9 -3.87 0.25 -13.19
C ILE A 9 -2.37 0.35 -12.99
N ASP A 10 -1.88 1.54 -12.67
CA ASP A 10 -0.47 1.79 -12.37
C ASP A 10 -0.09 1.14 -11.05
N ILE A 11 0.93 0.29 -11.07
CA ILE A 11 1.51 -0.25 -9.84
C ILE A 11 3.00 0.06 -9.72
N SER A 12 3.39 1.20 -10.28
CA SER A 12 4.78 1.65 -10.25
C SER A 12 4.97 2.79 -9.25
N GLN A 13 6.18 2.89 -8.70
CA GLN A 13 6.56 4.03 -7.84
C GLN A 13 6.89 5.27 -8.69
N PRO A 14 6.36 6.43 -8.31
CA PRO A 14 6.77 7.64 -9.03
C PRO A 14 8.27 7.89 -8.95
N LEU A 15 8.87 8.19 -10.09
CA LEU A 15 10.30 8.47 -10.19
C LEU A 15 10.54 9.97 -10.20
N ASN A 16 11.22 10.46 -9.17
CA ASN A 16 11.56 11.88 -9.03
C ASN A 16 12.71 12.01 -8.05
N ASN A 17 13.20 13.25 -7.88
CA ASN A 17 14.40 13.47 -7.07
C ASN A 17 14.25 13.09 -5.61
N ASP A 18 13.00 12.92 -5.14
CA ASP A 18 12.75 12.51 -3.77
C ASP A 18 12.70 11.00 -3.54
N ILE A 19 12.74 10.20 -4.59
CA ILE A 19 12.68 8.74 -4.41
C ILE A 19 13.93 8.21 -3.70
N ALA A 20 13.74 7.18 -2.91
CA ALA A 20 14.83 6.53 -2.20
C ALA A 20 15.68 5.71 -3.15
N THR A 21 16.91 5.44 -2.72
CA THR A 21 17.81 4.52 -3.41
C THR A 21 18.50 3.65 -2.38
N TRP A 22 19.14 2.58 -2.84
CA TRP A 22 20.00 1.81 -1.96
C TRP A 22 21.04 2.75 -1.36
N PRO A 23 21.43 2.55 -0.08
CA PRO A 23 22.44 3.42 0.54
C PRO A 23 23.72 3.53 -0.30
N GLY A 24 24.14 4.75 -0.59
CA GLY A 24 25.37 5.01 -1.34
C GLY A 24 25.26 4.90 -2.84
N ASP A 25 24.11 4.45 -3.35
CA ASP A 25 23.89 4.22 -4.76
C ASP A 25 23.62 5.56 -5.43
N THR A 26 23.69 5.61 -6.76
CA THR A 26 23.45 6.86 -7.49
C THR A 26 22.11 7.49 -7.09
N PRO A 27 22.10 8.75 -6.63
CA PRO A 27 20.80 9.40 -6.36
C PRO A 27 20.04 9.64 -7.64
N PHE A 28 18.71 9.56 -7.58
CA PHE A 28 17.91 9.79 -8.78
C PHE A 28 17.99 11.26 -9.12
N SER A 29 18.18 11.55 -10.40
CA SER A 29 18.22 12.93 -10.86
C SER A 29 17.51 13.11 -12.20
N TYR A 30 16.42 13.87 -12.22
CA TYR A 30 15.93 14.44 -13.46
C TYR A 30 16.15 15.95 -13.42
N GLU A 31 16.82 16.49 -14.42
CA GLU A 31 17.08 17.92 -14.51
C GLU A 31 16.88 18.43 -15.90
N VAL A 32 16.38 19.66 -16.00
CA VAL A 32 16.35 20.39 -17.25
C VAL A 32 17.71 21.07 -17.40
N LEU A 33 18.52 20.56 -18.33
CA LEU A 33 19.86 21.11 -18.57
C LEU A 33 19.80 22.44 -19.26
N TRP A 34 18.90 22.52 -20.23
CA TRP A 34 18.81 23.67 -21.09
C TRP A 34 17.31 23.89 -21.37
N SER A 35 16.79 25.01 -20.89
CA SER A 35 15.35 25.32 -20.90
C SER A 35 14.89 25.73 -22.28
N LYS A 36 13.58 25.73 -22.48
CA LYS A 36 13.01 26.27 -23.70
C LYS A 36 13.39 27.76 -23.91
N GLU A 37 13.45 28.53 -22.83
CA GLU A 37 13.83 29.97 -22.84
C GLU A 37 15.29 30.09 -23.37
N GLU A 38 16.17 29.23 -22.87
CA GLU A 38 17.57 29.16 -23.32
C GLU A 38 17.77 28.63 -24.73
N SER A 39 17.12 27.53 -25.07
CA SER A 39 17.32 26.88 -26.37
C SER A 39 16.55 27.58 -27.50
N GLY A 40 15.47 28.26 -27.14
CA GLY A 40 14.56 28.82 -28.12
C GLY A 40 13.52 27.85 -28.66
N SER A 41 13.44 26.63 -28.15
CA SER A 41 12.43 25.70 -28.66
C SER A 41 12.02 24.58 -27.72
N VAL A 42 12.97 23.99 -27.00
CA VAL A 42 12.70 22.80 -26.21
C VAL A 42 13.35 22.82 -24.83
N ASN A 43 12.70 22.11 -23.91
CA ASN A 43 13.30 21.76 -22.64
C ASN A 43 14.13 20.50 -22.82
N VAL A 44 15.42 20.60 -22.56
CA VAL A 44 16.33 19.49 -22.78
C VAL A 44 16.74 18.93 -21.43
N GLY A 45 16.41 17.67 -21.22
CA GLY A 45 16.46 17.06 -19.93
C GLY A 45 17.63 16.10 -19.87
N LYS A 46 17.98 15.74 -18.66
CA LYS A 46 18.92 14.66 -18.44
C LYS A 46 18.47 13.80 -17.28
N LEU A 47 18.46 12.49 -17.51
CA LEU A 47 18.07 11.50 -16.52
C LEU A 47 19.32 10.76 -16.06
N THR A 48 19.55 10.77 -14.76
CA THR A 48 20.63 10.01 -14.14
C THR A 48 20.05 9.18 -13.02
N MET A 49 20.30 7.88 -13.02
CA MET A 49 19.74 7.02 -11.98
C MET A 49 20.48 5.69 -11.85
N SER A 50 20.36 5.08 -10.67
CA SER A 50 20.67 3.65 -10.52
C SER A 50 19.57 2.84 -11.18
N ILE A 51 19.97 1.73 -11.78
CA ILE A 51 19.06 0.73 -12.34
C ILE A 51 18.00 0.28 -11.33
N HIS A 52 18.43 0.17 -10.08
CA HIS A 52 17.60 -0.40 -9.03
C HIS A 52 16.96 0.73 -8.23
N THR A 53 16.20 1.55 -8.94
CA THR A 53 15.44 2.64 -8.36
C THR A 53 13.98 2.48 -8.76
N GLY A 54 13.09 2.64 -7.80
CA GLY A 54 11.67 2.52 -8.06
C GLY A 54 11.34 1.12 -8.52
N THR A 55 10.28 1.01 -9.28
CA THR A 55 9.79 -0.29 -9.76
C THR A 55 10.71 -0.75 -10.86
N HIS A 56 11.31 -1.93 -10.72
CA HIS A 56 12.32 -2.37 -11.68
C HIS A 56 12.51 -3.87 -11.65
N ILE A 57 13.19 -4.38 -12.68
CA ILE A 57 13.48 -5.80 -12.78
C ILE A 57 14.99 -6.01 -12.71
N ASP A 58 15.37 -7.15 -12.14
CA ASP A 58 16.76 -7.56 -12.05
C ASP A 58 17.10 -8.51 -13.17
N ALA A 59 18.27 -8.30 -13.78
CA ALA A 59 18.83 -9.32 -14.69
C ALA A 59 19.79 -10.18 -13.88
N PRO A 60 20.03 -11.43 -14.31
CA PRO A 60 20.96 -12.29 -13.57
C PRO A 60 22.37 -11.71 -13.44
N PHE A 61 22.79 -10.91 -14.41
CA PHE A 61 24.08 -10.22 -14.32
C PHE A 61 24.24 -9.38 -13.04
N HIS A 62 23.14 -8.89 -12.48
CA HIS A 62 23.15 -8.12 -11.23
C HIS A 62 23.86 -8.87 -10.09
N PHE A 63 23.68 -10.18 -10.02
CA PHE A 63 24.26 -10.98 -8.93
C PHE A 63 25.15 -12.14 -9.39
N ASP A 64 25.31 -12.29 -10.70
CA ASP A 64 26.10 -13.36 -11.25
C ASP A 64 26.88 -12.80 -12.42
N ASN A 65 28.21 -12.79 -12.29
CA ASN A 65 29.05 -12.25 -13.34
C ASN A 65 28.88 -12.97 -14.66
N ASP A 66 28.44 -14.22 -14.63
CA ASP A 66 28.17 -14.98 -15.86
C ASP A 66 26.73 -14.86 -16.36
N GLY A 67 25.88 -14.11 -15.67
CA GLY A 67 24.45 -14.09 -15.97
C GLY A 67 24.04 -13.22 -17.15
N LYS A 68 22.86 -13.49 -17.69
CA LYS A 68 22.25 -12.70 -18.77
C LYS A 68 22.15 -11.22 -18.41
N LYS A 69 22.33 -10.39 -19.43
CA LYS A 69 22.05 -8.96 -19.36
C LYS A 69 20.60 -8.72 -19.78
N VAL A 70 20.12 -7.50 -19.56
CA VAL A 70 18.70 -7.20 -19.74
C VAL A 70 18.15 -7.56 -21.10
N LEU A 71 18.85 -7.17 -22.17
CA LEU A 71 18.32 -7.38 -23.51
C LEU A 71 18.23 -8.87 -23.86
N ASP A 72 19.02 -9.70 -23.18
CA ASP A 72 18.98 -11.15 -23.35
C ASP A 72 17.71 -11.77 -22.76
N LEU A 73 17.01 -11.05 -21.90
CA LEU A 73 15.85 -11.61 -21.21
C LEU A 73 14.64 -11.74 -22.12
N ASP A 74 13.90 -12.84 -21.93
CA ASP A 74 12.73 -13.14 -22.74
C ASP A 74 11.55 -12.20 -22.39
N ILE A 75 11.14 -11.36 -23.35
CA ILE A 75 10.06 -10.39 -23.09
C ILE A 75 8.72 -11.04 -22.74
N GLN A 76 8.48 -12.27 -23.19
CA GLN A 76 7.21 -12.95 -22.93
C GLN A 76 7.00 -13.16 -21.43
N VAL A 77 8.07 -13.27 -20.67
CA VAL A 77 8.00 -13.42 -19.20
C VAL A 77 7.29 -12.23 -18.54
N TYR A 78 7.49 -11.05 -19.10
CA TYR A 78 7.08 -9.81 -18.45
C TYR A 78 5.71 -9.27 -18.88
N VAL A 79 4.98 -10.02 -19.70
CA VAL A 79 3.64 -9.66 -20.12
C VAL A 79 2.74 -10.88 -20.05
N GLY A 80 1.65 -10.78 -19.31
CA GLY A 80 0.66 -11.85 -19.30
C GLY A 80 -0.02 -12.04 -17.96
N PRO A 81 -0.83 -13.11 -17.85
CA PRO A 81 -1.61 -13.38 -16.65
C PRO A 81 -0.75 -13.41 -15.40
N THR A 82 -1.27 -12.82 -14.33
CA THR A 82 -0.58 -12.76 -13.05
C THR A 82 -1.61 -12.95 -11.96
N ARG A 83 -1.17 -13.53 -10.86
CA ARG A 83 -1.97 -13.64 -9.66
C ARG A 83 -1.35 -12.78 -8.57
N ILE A 84 -2.19 -12.10 -7.79
CA ILE A 84 -1.72 -11.28 -6.69
C ILE A 84 -2.25 -11.87 -5.38
N ILE A 85 -1.36 -12.03 -4.40
CA ILE A 85 -1.73 -12.54 -3.09
C ILE A 85 -1.16 -11.70 -1.95
N ASP A 86 -1.81 -11.81 -0.80
CA ASP A 86 -1.40 -11.05 0.39
C ASP A 86 -0.56 -11.91 1.33
N VAL A 87 0.65 -11.43 1.60
CA VAL A 87 1.58 -12.09 2.51
C VAL A 87 2.08 -11.08 3.55
N SER A 88 1.18 -10.20 3.99
CA SER A 88 1.51 -9.20 4.99
C SER A 88 1.77 -9.84 6.35
N ASN A 89 2.48 -9.11 7.20
CA ASN A 89 2.74 -9.52 8.58
C ASN A 89 3.52 -10.83 8.68
N LEU A 90 4.44 -11.05 7.75
CA LEU A 90 5.34 -12.21 7.80
C LEU A 90 6.78 -11.76 7.70
N GLU A 91 7.64 -12.24 8.61
CA GLU A 91 9.06 -11.86 8.60
C GLU A 91 9.77 -12.39 7.36
N SER A 92 9.36 -13.57 6.88
CA SER A 92 9.90 -14.09 5.63
C SER A 92 8.91 -15.04 4.99
N ILE A 93 9.02 -15.19 3.67
CA ILE A 93 8.06 -15.96 2.90
C ILE A 93 8.77 -17.10 2.18
N GLY A 94 8.34 -18.32 2.45
CA GLY A 94 8.87 -19.49 1.78
C GLY A 94 7.75 -20.44 1.42
N LYS A 95 8.13 -21.68 1.14
CA LYS A 95 7.17 -22.73 0.77
C LYS A 95 6.03 -22.78 1.79
N LYS A 96 6.38 -22.80 3.08
CA LYS A 96 5.39 -22.98 4.14
C LYS A 96 4.27 -21.96 4.06
N GLU A 97 4.63 -20.70 3.81
CA GLU A 97 3.64 -19.63 3.75
C GLU A 97 2.80 -19.63 2.45
N LEU A 98 3.34 -20.17 1.36
CA LEU A 98 2.63 -20.19 0.08
C LEU A 98 1.74 -21.43 -0.12
N GLU A 99 1.92 -22.45 0.72
CA GLU A 99 1.16 -23.70 0.58
C GLU A 99 -0.34 -23.48 0.79
N LYS A 100 -0.71 -22.46 1.56
CA LYS A 100 -2.13 -22.15 1.75
C LYS A 100 -2.84 -21.55 0.51
N PHE A 101 -2.09 -21.16 -0.50
CA PHE A 101 -2.67 -20.59 -1.70
C PHE A 101 -2.84 -21.66 -2.78
N HIS A 102 -3.90 -21.54 -3.54
CA HIS A 102 -4.14 -22.38 -4.68
C HIS A 102 -3.56 -21.71 -5.93
N LEU A 103 -2.40 -22.18 -6.38
CA LEU A 103 -1.60 -21.48 -7.40
C LEU A 103 -1.43 -22.28 -8.67
N GLU A 104 -2.26 -23.31 -8.85
CA GLU A 104 -2.16 -24.10 -10.09
C GLU A 104 -2.50 -23.26 -11.32
N GLY A 105 -1.69 -23.39 -12.37
CA GLY A 105 -1.88 -22.66 -13.62
C GLY A 105 -1.36 -21.23 -13.61
N VAL A 106 -0.84 -20.78 -12.46
CA VAL A 106 -0.28 -19.43 -12.34
C VAL A 106 1.11 -19.34 -13.01
N GLU A 107 1.31 -18.28 -13.80
CA GLU A 107 2.58 -18.05 -14.50
C GLU A 107 3.41 -16.91 -13.88
N ARG A 108 2.73 -15.97 -13.22
CA ARG A 108 3.38 -14.80 -12.64
C ARG A 108 2.71 -14.54 -11.31
N LEU A 109 3.49 -14.22 -10.29
CA LEU A 109 2.95 -14.04 -8.94
C LEU A 109 3.50 -12.77 -8.31
N LEU A 110 2.59 -11.90 -7.86
CA LEU A 110 2.97 -10.70 -7.11
C LEU A 110 2.58 -10.86 -5.65
N LEU A 111 3.54 -10.54 -4.77
CA LEU A 111 3.38 -10.67 -3.33
C LEU A 111 3.22 -9.31 -2.66
N ARG A 112 2.06 -9.08 -2.05
CA ARG A 112 1.84 -7.90 -1.25
C ARG A 112 2.26 -8.14 0.21
N THR A 113 3.42 -7.61 0.58
CA THR A 113 3.86 -7.68 1.97
C THR A 113 3.27 -6.54 2.77
N SER A 114 2.97 -5.43 2.10
CA SER A 114 2.54 -4.20 2.75
C SER A 114 3.49 -3.80 3.89
N SER A 115 4.77 -4.13 3.75
CA SER A 115 5.73 -3.92 4.83
C SER A 115 6.33 -2.50 4.84
N HIS A 116 6.41 -1.88 3.68
CA HIS A 116 7.07 -0.58 3.58
C HIS A 116 6.16 0.44 2.92
N GLY A 117 6.12 0.47 1.60
CA GLY A 117 5.19 1.32 0.87
C GLY A 117 5.49 2.82 0.88
N LYS A 118 6.70 3.20 1.29
CA LYS A 118 7.13 4.61 1.22
C LYS A 118 8.28 4.75 0.24
N ALA A 119 7.94 5.17 -0.98
CA ALA A 119 8.89 5.15 -2.07
C ALA A 119 10.08 6.09 -1.81
N ASN A 120 9.86 7.11 -0.98
CA ASN A 120 10.85 8.14 -0.75
C ASN A 120 11.72 7.86 0.49
N GLU A 121 11.55 6.69 1.09
CA GLU A 121 12.45 6.24 2.17
C GLU A 121 12.95 4.85 1.84
N PHE A 122 14.20 4.58 2.17
CA PHE A 122 14.71 3.23 2.04
C PHE A 122 14.49 2.49 3.37
N PRO A 123 13.91 1.28 3.34
CA PRO A 123 13.57 0.60 4.60
C PRO A 123 14.79 0.10 5.34
N ASP A 124 14.65 -0.10 6.64
CA ASP A 124 15.72 -0.65 7.46
C ASP A 124 15.68 -2.18 7.48
N ILE A 125 14.48 -2.74 7.39
CA ILE A 125 14.30 -4.17 7.28
C ILE A 125 13.11 -4.46 6.37
N ILE A 126 13.17 -5.56 5.63
CA ILE A 126 12.02 -6.02 4.84
C ILE A 126 11.80 -7.51 5.04
N PRO A 127 10.61 -8.01 4.65
CA PRO A 127 10.44 -9.44 4.59
C PRO A 127 11.15 -9.99 3.37
N HIS A 128 11.94 -11.04 3.52
CA HIS A 128 12.65 -11.61 2.40
C HIS A 128 11.99 -12.91 1.99
N LEU A 129 12.39 -13.42 0.83
CA LEU A 129 11.93 -14.73 0.35
C LEU A 129 12.97 -15.77 0.71
N ARG A 130 12.53 -16.91 1.20
CA ARG A 130 13.45 -17.98 1.54
C ARG A 130 13.71 -18.81 0.29
N ALA A 131 14.89 -19.42 0.23
CA ALA A 131 15.32 -20.16 -0.96
C ALA A 131 14.36 -21.26 -1.39
N ASP A 132 13.73 -21.94 -0.45
CA ASP A 132 12.83 -23.06 -0.77
C ASP A 132 11.57 -22.62 -1.53
N ILE A 133 11.38 -21.32 -1.66
CA ILE A 133 10.30 -20.80 -2.49
C ILE A 133 10.49 -21.13 -3.97
N ALA A 134 11.74 -21.23 -4.42
CA ALA A 134 12.07 -21.32 -5.84
C ALA A 134 11.69 -22.66 -6.49
N PRO A 135 12.12 -23.81 -5.91
CA PRO A 135 11.65 -25.08 -6.48
C PRO A 135 10.13 -25.20 -6.41
N PHE A 136 9.54 -24.75 -5.30
CA PHE A 136 8.08 -24.78 -5.10
C PHE A 136 7.34 -24.03 -6.21
N LEU A 137 7.72 -22.78 -6.44
CA LEU A 137 7.10 -21.99 -7.49
C LEU A 137 7.38 -22.50 -8.90
N SER A 138 8.63 -22.87 -9.15
CA SER A 138 9.03 -23.35 -10.47
C SER A 138 8.28 -24.61 -10.86
N GLU A 139 8.12 -25.51 -9.91
CA GLU A 139 7.38 -26.76 -10.17
C GLU A 139 5.92 -26.44 -10.60
N LYS A 140 5.35 -25.33 -10.11
CA LYS A 140 4.01 -24.90 -10.53
C LYS A 140 3.96 -24.25 -11.90
N GLY A 141 5.12 -23.86 -12.44
CA GLY A 141 5.18 -23.17 -13.73
C GLY A 141 5.31 -21.65 -13.62
N ILE A 142 5.57 -21.15 -12.42
CA ILE A 142 5.69 -19.71 -12.23
C ILE A 142 7.05 -19.23 -12.79
N ARG A 143 7.00 -18.20 -13.64
CA ARG A 143 8.17 -17.66 -14.33
C ARG A 143 8.62 -16.28 -13.82
N LEU A 144 7.79 -15.63 -13.01
CA LEU A 144 8.10 -14.29 -12.51
C LEU A 144 7.49 -14.12 -11.13
N ILE A 145 8.29 -13.58 -10.24
CA ILE A 145 7.88 -13.22 -8.91
C ILE A 145 8.12 -11.73 -8.75
N GLY A 146 7.11 -11.05 -8.20
CA GLY A 146 7.21 -9.63 -7.90
C GLY A 146 6.94 -9.37 -6.43
N VAL A 147 7.66 -8.39 -5.86
CA VAL A 147 7.47 -8.00 -4.46
C VAL A 147 7.34 -6.49 -4.32
N ASP A 148 6.59 -6.06 -3.30
CA ASP A 148 6.36 -4.64 -3.05
C ASP A 148 7.42 -4.02 -2.13
N VAL A 149 8.64 -4.55 -2.20
CA VAL A 149 9.79 -4.06 -1.44
C VAL A 149 11.02 -4.10 -2.36
N PRO A 150 12.15 -3.47 -1.95
CA PRO A 150 13.28 -3.33 -2.88
C PRO A 150 14.07 -4.58 -3.20
N SER A 151 13.87 -5.64 -2.42
CA SER A 151 14.65 -6.85 -2.61
C SER A 151 13.88 -8.11 -2.25
N VAL A 152 14.32 -9.22 -2.83
CA VAL A 152 13.84 -10.55 -2.45
C VAL A 152 14.74 -11.20 -1.40
N ASP A 153 15.89 -10.59 -1.13
CA ASP A 153 16.78 -11.03 -0.07
C ASP A 153 16.88 -9.96 1.02
N PRO A 154 17.34 -10.36 2.22
CA PRO A 154 17.53 -9.34 3.26
C PRO A 154 18.45 -8.23 2.79
N LEU A 155 18.19 -7.02 3.28
CA LEU A 155 18.90 -5.85 2.81
C LEU A 155 20.42 -5.89 3.05
N ASP A 156 20.82 -6.57 4.13
CA ASP A 156 22.26 -6.66 4.50
C ASP A 156 22.94 -7.95 4.01
N ASP A 157 22.20 -8.79 3.29
CA ASP A 157 22.71 -10.09 2.88
C ASP A 157 23.63 -10.00 1.67
N LYS A 158 24.81 -10.61 1.77
CA LYS A 158 25.76 -10.62 0.65
C LYS A 158 25.68 -11.87 -0.18
N GLU A 159 25.02 -12.91 0.30
CA GLU A 159 24.92 -14.16 -0.45
C GLU A 159 23.79 -14.15 -1.48
N LEU A 160 22.72 -13.43 -1.18
CA LEU A 160 21.59 -13.27 -2.09
C LEU A 160 21.06 -14.61 -2.56
N ALA A 161 20.75 -15.47 -1.58
CA ALA A 161 20.32 -16.82 -1.87
C ALA A 161 19.03 -16.84 -2.68
N ALA A 162 18.09 -15.97 -2.35
CA ALA A 162 16.83 -15.91 -3.10
C ALA A 162 17.03 -15.49 -4.55
N HIS A 163 17.83 -14.45 -4.78
CA HIS A 163 18.11 -14.03 -6.17
C HIS A 163 18.66 -15.22 -6.97
N HIS A 164 19.67 -15.85 -6.40
CA HIS A 164 20.34 -16.96 -7.08
C HIS A 164 19.39 -18.12 -7.33
N GLN A 165 18.64 -18.52 -6.32
CA GLN A 165 17.80 -19.71 -6.44
C GLN A 165 16.63 -19.47 -7.37
N LEU A 166 16.05 -18.27 -7.31
CA LEU A 166 14.98 -17.91 -8.23
C LEU A 166 15.44 -18.03 -9.68
N PHE A 167 16.53 -17.36 -10.04
CA PHE A 167 16.98 -17.44 -11.43
C PHE A 167 17.48 -18.85 -11.81
N LYS A 168 18.02 -19.61 -10.86
CA LYS A 168 18.38 -21.00 -11.11
C LYS A 168 17.17 -21.82 -11.56
N HIS A 169 15.99 -21.44 -11.06
CA HIS A 169 14.75 -22.12 -11.41
C HIS A 169 13.93 -21.35 -12.44
N SER A 170 14.60 -20.49 -13.20
CA SER A 170 14.00 -19.77 -14.31
C SER A 170 12.92 -18.78 -13.87
N ILE A 171 12.99 -18.32 -12.61
CA ILE A 171 12.02 -17.36 -12.09
C ILE A 171 12.65 -15.96 -12.09
N HIS A 172 12.03 -15.06 -12.82
CA HIS A 172 12.50 -13.71 -13.00
C HIS A 172 12.00 -12.85 -11.85
N ILE A 173 12.60 -11.67 -11.67
CA ILE A 173 12.43 -10.87 -10.46
C ILE A 173 12.01 -9.45 -10.76
N LEU A 174 10.95 -9.03 -10.09
CA LEU A 174 10.39 -7.68 -10.20
C LEU A 174 10.28 -7.12 -8.79
N GLU A 175 10.84 -5.94 -8.56
CA GLU A 175 10.92 -5.35 -7.23
C GLU A 175 10.25 -3.98 -7.19
N ASN A 176 9.82 -3.58 -6.00
CA ASN A 176 9.20 -2.29 -5.75
C ASN A 176 7.89 -2.03 -6.50
N VAL A 177 7.08 -3.06 -6.72
CA VAL A 177 5.70 -2.81 -7.18
C VAL A 177 4.89 -2.19 -6.04
N VAL A 178 3.80 -1.51 -6.40
CA VAL A 178 2.94 -0.82 -5.44
C VAL A 178 1.59 -1.50 -5.50
N LEU A 179 1.22 -2.18 -4.41
CA LEU A 179 0.04 -3.03 -4.43
C LEU A 179 -1.04 -2.70 -3.39
N ASP A 180 -0.87 -1.66 -2.58
CA ASP A 180 -1.88 -1.43 -1.51
C ASP A 180 -3.23 -0.97 -2.04
N HIS A 181 -3.24 -0.46 -3.27
CA HIS A 181 -4.48 0.04 -3.87
C HIS A 181 -5.14 -0.97 -4.82
N VAL A 182 -4.63 -2.19 -4.85
CA VAL A 182 -5.23 -3.23 -5.69
C VAL A 182 -5.59 -4.46 -4.87
N ALA A 183 -6.68 -5.09 -5.29
CA ALA A 183 -7.20 -6.26 -4.61
C ALA A 183 -6.46 -7.49 -5.08
N ASP A 184 -6.49 -8.52 -4.25
CA ASP A 184 -5.97 -9.83 -4.63
C ASP A 184 -6.70 -10.35 -5.87
N GLY A 185 -6.09 -11.27 -6.58
CA GLY A 185 -6.77 -11.95 -7.64
C GLY A 185 -5.99 -12.01 -8.92
N ASP A 186 -6.72 -12.14 -10.02
CA ASP A 186 -6.14 -12.38 -11.32
C ASP A 186 -6.17 -11.16 -12.23
N TYR A 187 -5.02 -10.90 -12.84
CA TYR A 187 -4.85 -9.74 -13.68
C TYR A 187 -4.01 -10.12 -14.87
N GLU A 188 -3.94 -9.22 -15.85
CA GLU A 188 -2.87 -9.23 -16.82
C GLU A 188 -1.82 -8.23 -16.34
N LEU A 189 -0.55 -8.64 -16.35
CA LEU A 189 0.58 -7.77 -15.95
C LEU A 189 1.39 -7.35 -17.16
N ILE A 190 1.88 -6.11 -17.13
CA ILE A 190 2.91 -5.64 -18.04
C ILE A 190 4.01 -5.04 -17.18
N ALA A 191 5.24 -5.50 -17.37
CA ALA A 191 6.37 -4.95 -16.64
C ALA A 191 7.66 -5.11 -17.42
N LEU A 192 7.74 -4.42 -18.56
CA LEU A 192 8.79 -4.68 -19.54
C LEU A 192 10.08 -3.92 -19.27
N PRO A 193 11.22 -4.62 -19.30
CA PRO A 193 12.48 -3.90 -19.25
C PRO A 193 12.73 -3.08 -20.51
N LEU A 194 13.43 -1.97 -20.35
CA LEU A 194 13.98 -1.26 -21.46
C LEU A 194 14.97 -2.19 -22.20
N ALA A 195 15.20 -1.90 -23.47
CA ALA A 195 16.04 -2.74 -24.30
C ALA A 195 17.53 -2.48 -24.04
N LEU A 196 17.96 -2.65 -22.80
CA LEU A 196 19.33 -2.31 -22.39
C LEU A 196 20.29 -3.46 -22.70
N SER A 197 21.17 -3.27 -23.68
CA SER A 197 22.08 -4.32 -24.11
C SER A 197 22.95 -4.89 -23.00
N ASP A 198 23.46 -4.04 -22.12
CA ASP A 198 24.55 -4.44 -21.21
C ASP A 198 24.21 -4.36 -19.73
N ALA A 199 22.94 -4.07 -19.40
CA ALA A 199 22.57 -3.74 -18.04
C ALA A 199 22.23 -4.92 -17.14
N ASP A 200 22.35 -4.64 -15.84
CA ASP A 200 22.12 -5.57 -14.76
C ASP A 200 20.65 -5.58 -14.33
N GLY A 201 19.82 -4.76 -14.98
CA GLY A 201 18.42 -4.66 -14.67
C GLY A 201 17.84 -3.45 -15.38
N SER A 202 16.56 -3.15 -15.15
CA SER A 202 15.92 -2.02 -15.80
C SER A 202 14.78 -1.49 -14.98
N PRO A 203 14.67 -0.15 -14.85
CA PRO A 203 13.36 0.35 -14.42
C PRO A 203 12.29 -0.04 -15.42
N VAL A 204 11.07 -0.22 -14.92
CA VAL A 204 9.95 -0.59 -15.74
C VAL A 204 8.73 0.23 -15.33
N ARG A 205 7.76 0.31 -16.23
CA ARG A 205 6.44 0.75 -15.85
C ARG A 205 5.60 -0.50 -15.71
N ALA A 206 5.36 -0.88 -14.47
CA ALA A 206 4.49 -2.02 -14.17
C ALA A 206 3.05 -1.54 -14.04
N VAL A 207 2.18 -2.18 -14.82
CA VAL A 207 0.74 -1.95 -14.76
C VAL A 207 -0.01 -3.28 -14.80
N ILE A 208 -1.26 -3.28 -14.31
CA ILE A 208 -2.10 -4.46 -14.33
C ILE A 208 -3.53 -4.12 -14.74
N ARG A 209 -4.19 -5.10 -15.35
CA ARG A 209 -5.59 -4.98 -15.72
C ARG A 209 -6.35 -6.21 -15.22
N PRO A 210 -7.48 -6.00 -14.52
CA PRO A 210 -8.20 -7.14 -13.98
C PRO A 210 -8.73 -8.04 -15.09
N ILE A 211 -8.68 -9.35 -14.91
CA ILE A 211 -9.08 -10.26 -16.02
C ILE A 211 -10.60 -10.31 -16.22
CA THR B 5 -0.95 -17.07 -27.66
C THR B 5 0.23 -16.60 -28.53
N SER B 6 -0.09 -15.80 -29.55
CA SER B 6 0.94 -15.19 -30.40
C SER B 6 1.97 -14.46 -29.53
N LYS B 7 3.23 -14.50 -29.94
CA LYS B 7 4.29 -13.87 -29.15
C LYS B 7 4.35 -12.36 -29.37
N TRP B 8 4.75 -11.64 -28.33
CA TRP B 8 5.10 -10.25 -28.41
C TRP B 8 6.37 -10.11 -29.24
N ILE B 9 6.39 -9.08 -30.07
CA ILE B 9 7.53 -8.76 -30.93
C ILE B 9 8.15 -7.44 -30.49
N ASP B 10 9.45 -7.44 -30.28
CA ASP B 10 10.20 -6.25 -29.89
C ASP B 10 10.29 -5.28 -31.08
N ILE B 11 9.84 -4.04 -30.89
CA ILE B 11 10.00 -2.98 -31.87
C ILE B 11 10.75 -1.79 -31.29
N SER B 12 11.64 -2.08 -30.34
CA SER B 12 12.47 -1.07 -29.70
C SER B 12 13.93 -1.11 -30.19
N GLN B 13 14.58 0.06 -30.19
CA GLN B 13 16.01 0.15 -30.47
C GLN B 13 16.88 -0.28 -29.28
N PRO B 14 17.89 -1.12 -29.51
CA PRO B 14 18.77 -1.46 -28.38
C PRO B 14 19.45 -0.23 -27.80
N LEU B 15 19.45 -0.12 -26.47
CA LEU B 15 20.06 0.98 -25.76
C LEU B 15 21.44 0.56 -25.24
N ASN B 16 22.46 1.24 -25.74
CA ASN B 16 23.82 1.03 -25.33
C ASN B 16 24.66 2.24 -25.71
N ASN B 17 25.94 2.24 -25.30
CA ASN B 17 26.78 3.41 -25.48
C ASN B 17 27.02 3.80 -26.93
N ASP B 18 26.72 2.92 -27.89
CA ASP B 18 26.86 3.21 -29.33
C ASP B 18 25.62 3.83 -29.98
N ILE B 19 24.51 3.92 -29.25
CA ILE B 19 23.30 4.46 -29.85
C ILE B 19 23.49 5.93 -30.17
N ALA B 20 22.85 6.38 -31.24
CA ALA B 20 22.87 7.78 -31.61
C ALA B 20 22.02 8.63 -30.66
N THR B 21 22.31 9.91 -30.63
CA THR B 21 21.49 10.89 -29.93
C THR B 21 21.33 12.12 -30.81
N TRP B 22 20.39 12.98 -30.44
CA TRP B 22 20.28 14.27 -31.08
C TRP B 22 21.55 15.04 -30.91
N PRO B 23 21.84 15.88 -31.91
CA PRO B 23 22.84 16.90 -31.73
C PRO B 23 22.51 17.66 -30.46
N GLY B 24 23.51 17.82 -29.60
CA GLY B 24 23.37 18.63 -28.40
C GLY B 24 22.79 17.90 -27.20
N ASP B 25 22.33 16.66 -27.38
CA ASP B 25 21.81 15.92 -26.25
C ASP B 25 22.92 15.22 -25.47
N THR B 26 22.62 14.93 -24.21
CA THR B 26 23.41 14.04 -23.38
C THR B 26 23.72 12.73 -24.10
N PRO B 27 24.99 12.36 -24.20
CA PRO B 27 25.29 11.03 -24.76
C PRO B 27 24.79 9.91 -23.85
N PHE B 28 24.36 8.79 -24.44
CA PHE B 28 23.90 7.67 -23.63
C PHE B 28 25.06 7.09 -22.87
N SER B 29 24.84 6.80 -21.59
CA SER B 29 25.83 6.14 -20.77
C SER B 29 25.21 5.07 -19.85
N TYR B 30 25.53 3.81 -20.10
CA TYR B 30 25.37 2.79 -19.08
C TYR B 30 26.75 2.37 -18.60
N GLU B 31 26.94 2.35 -17.29
CA GLU B 31 28.19 1.88 -16.71
C GLU B 31 27.86 1.04 -15.45
N VAL B 32 28.70 0.07 -15.16
CA VAL B 32 28.63 -0.64 -13.92
C VAL B 32 29.31 0.27 -12.89
N LEU B 33 28.53 0.82 -11.97
CA LEU B 33 29.05 1.67 -10.93
C LEU B 33 29.87 0.84 -9.93
N TRP B 34 29.27 -0.25 -9.47
CA TRP B 34 29.87 -1.14 -8.49
C TRP B 34 29.88 -2.52 -9.11
N SER B 35 31.06 -3.09 -9.26
CA SER B 35 31.15 -4.44 -9.69
C SER B 35 30.87 -5.37 -8.51
N LYS B 36 30.54 -6.61 -8.82
CA LYS B 36 30.34 -7.62 -7.78
C LYS B 36 31.60 -7.83 -6.95
N GLU B 37 32.76 -7.73 -7.59
CA GLU B 37 34.03 -7.80 -6.87
C GLU B 37 34.15 -6.66 -5.86
N GLU B 38 33.81 -5.46 -6.29
CA GLU B 38 33.87 -4.29 -5.42
C GLU B 38 32.81 -4.30 -4.31
N SER B 39 31.57 -4.64 -4.63
CA SER B 39 30.47 -4.59 -3.66
C SER B 39 30.45 -5.81 -2.76
N GLY B 40 31.03 -6.92 -3.22
CA GLY B 40 30.94 -8.19 -2.52
C GLY B 40 29.66 -8.97 -2.78
N SER B 41 28.79 -8.51 -3.68
CA SER B 41 27.58 -9.27 -3.94
C SER B 41 26.93 -9.02 -5.29
N VAL B 42 26.92 -7.76 -5.76
CA VAL B 42 26.15 -7.41 -6.94
C VAL B 42 26.88 -6.47 -7.89
N ASN B 43 26.55 -6.60 -9.16
CA ASN B 43 26.84 -5.60 -10.17
C ASN B 43 25.69 -4.60 -10.18
N VAL B 44 26.02 -3.34 -9.92
CA VAL B 44 25.04 -2.26 -9.87
C VAL B 44 25.31 -1.23 -10.96
N GLY B 45 24.32 -1.02 -11.83
CA GLY B 45 24.46 -0.12 -12.97
C GLY B 45 24.01 1.32 -12.71
N LYS B 46 24.59 2.26 -13.46
CA LYS B 46 24.22 3.68 -13.42
C LYS B 46 23.88 4.08 -14.83
N LEU B 47 22.71 4.69 -14.98
CA LEU B 47 22.20 5.04 -16.29
C LEU B 47 22.14 6.56 -16.38
N THR B 48 22.74 7.12 -17.43
CA THR B 48 22.67 8.55 -17.73
C THR B 48 22.26 8.70 -19.19
N MET B 49 21.19 9.43 -19.45
CA MET B 49 20.73 9.57 -20.81
C MET B 49 19.85 10.79 -20.99
N SER B 50 19.76 11.24 -22.22
CA SER B 50 18.64 12.06 -22.64
C SER B 50 17.41 11.17 -22.70
N ILE B 51 16.26 11.70 -22.33
CA ILE B 51 15.10 10.86 -22.48
C ILE B 51 14.76 10.62 -23.93
N HIS B 52 15.24 11.43 -24.89
CA HIS B 52 14.94 11.23 -26.32
C HIS B 52 16.01 10.39 -27.01
N THR B 53 16.25 9.22 -26.45
CA THR B 53 17.25 8.31 -26.94
C THR B 53 16.55 7.01 -27.17
N GLY B 54 16.78 6.43 -28.34
CA GLY B 54 16.14 5.17 -28.69
C GLY B 54 14.65 5.34 -28.79
N THR B 55 13.94 4.25 -28.58
CA THR B 55 12.49 4.23 -28.70
C THR B 55 11.92 4.94 -27.47
N HIS B 56 11.13 5.98 -27.68
CA HIS B 56 10.67 6.77 -26.55
C HIS B 56 9.41 7.55 -26.88
N ILE B 57 8.79 8.08 -25.84
CA ILE B 57 7.63 8.94 -26.01
C ILE B 57 7.94 10.36 -25.54
N ASP B 58 7.32 11.34 -26.20
CA ASP B 58 7.46 12.76 -25.82
C ASP B 58 6.30 13.17 -24.93
N ALA B 59 6.60 13.94 -23.87
CA ALA B 59 5.56 14.61 -23.11
C ALA B 59 5.44 16.04 -23.68
N PRO B 60 4.26 16.65 -23.56
CA PRO B 60 4.11 18.03 -24.03
C PRO B 60 5.11 19.01 -23.42
N PHE B 61 5.54 18.76 -22.17
CA PHE B 61 6.52 19.62 -21.52
C PHE B 61 7.80 19.77 -22.33
N HIS B 62 8.11 18.78 -23.18
CA HIS B 62 9.27 18.85 -24.05
C HIS B 62 9.28 20.12 -24.90
N PHE B 63 8.13 20.50 -25.43
CA PHE B 63 8.05 21.62 -26.38
C PHE B 63 7.15 22.76 -25.90
N ASP B 64 6.54 22.62 -24.73
CA ASP B 64 5.61 23.59 -24.17
C ASP B 64 5.84 23.67 -22.68
N ASN B 65 6.28 24.84 -22.20
CA ASN B 65 6.57 24.99 -20.77
C ASN B 65 5.39 24.69 -19.88
N ASP B 66 4.17 24.89 -20.37
CA ASP B 66 2.99 24.61 -19.58
C ASP B 66 2.42 23.22 -19.82
N GLY B 67 3.10 22.41 -20.63
CA GLY B 67 2.58 21.12 -21.00
C GLY B 67 2.77 20.07 -19.91
N LYS B 68 1.96 19.02 -19.99
CA LYS B 68 2.02 17.91 -19.07
C LYS B 68 3.41 17.28 -19.03
N LYS B 69 3.78 16.83 -17.83
CA LYS B 69 4.97 16.00 -17.64
C LYS B 69 4.58 14.54 -17.80
N VAL B 70 5.58 13.65 -17.85
CA VAL B 70 5.33 12.26 -18.21
C VAL B 70 4.31 11.59 -17.31
N LEU B 71 4.41 11.76 -16.01
CA LEU B 71 3.52 11.03 -15.09
C LEU B 71 2.07 11.49 -15.21
N ASP B 72 1.85 12.71 -15.73
CA ASP B 72 0.51 13.23 -15.95
C ASP B 72 -0.17 12.58 -17.16
N LEU B 73 0.59 11.89 -18.00
CA LEU B 73 0.04 11.30 -19.20
C LEU B 73 -0.79 10.04 -18.90
N ASP B 74 -1.88 9.88 -19.63
CA ASP B 74 -2.82 8.79 -19.43
C ASP B 74 -2.25 7.46 -19.95
N ILE B 75 -2.01 6.51 -19.05
CA ILE B 75 -1.38 5.25 -19.45
C ILE B 75 -2.21 4.43 -20.45
N GLN B 76 -3.54 4.63 -20.47
CA GLN B 76 -4.42 3.89 -21.37
C GLN B 76 -4.06 4.15 -22.82
N VAL B 77 -3.51 5.34 -23.09
CA VAL B 77 -3.13 5.74 -24.44
C VAL B 77 -2.04 4.81 -25.01
N TYR B 78 -1.17 4.30 -24.14
CA TYR B 78 0.03 3.60 -24.55
C TYR B 78 -0.08 2.08 -24.56
N VAL B 79 -1.27 1.54 -24.32
CA VAL B 79 -1.52 0.11 -24.38
C VAL B 79 -2.84 -0.15 -25.11
N GLY B 80 -2.80 -0.97 -26.15
CA GLY B 80 -4.02 -1.37 -26.83
C GLY B 80 -3.88 -1.52 -28.33
N PRO B 81 -5.00 -1.76 -29.02
CA PRO B 81 -5.03 -1.97 -30.46
C PRO B 81 -4.32 -0.89 -31.23
N THR B 82 -3.53 -1.30 -32.21
CA THR B 82 -2.75 -0.40 -33.04
C THR B 82 -2.80 -0.91 -34.46
N ARG B 83 -2.78 0.02 -35.40
CA ARG B 83 -2.66 -0.32 -36.82
C ARG B 83 -1.29 0.14 -37.29
N ILE B 84 -0.64 -0.67 -38.13
CA ILE B 84 0.65 -0.32 -38.72
C ILE B 84 0.50 -0.23 -40.24
N ILE B 85 0.97 0.88 -40.80
CA ILE B 85 0.87 1.12 -42.24
C ILE B 85 2.22 1.55 -42.80
N ASP B 86 2.36 1.34 -44.12
CA ASP B 86 3.58 1.71 -44.81
C ASP B 86 3.42 3.06 -45.51
N VAL B 87 4.32 3.98 -45.16
CA VAL B 87 4.38 5.29 -45.79
C VAL B 87 5.80 5.59 -46.25
N SER B 88 6.47 4.56 -46.77
CA SER B 88 7.83 4.69 -47.27
C SER B 88 7.88 5.47 -48.55
N ASN B 89 9.06 5.97 -48.90
CA ASN B 89 9.25 6.69 -50.16
C ASN B 89 8.42 7.99 -50.25
N LEU B 90 8.18 8.66 -49.11
CA LEU B 90 7.46 9.94 -49.09
C LEU B 90 8.27 10.96 -48.31
N GLU B 91 8.46 12.14 -48.91
CA GLU B 91 9.24 13.20 -48.26
C GLU B 91 8.53 13.75 -47.02
N SER B 92 7.20 13.76 -47.06
CA SER B 92 6.43 14.11 -45.87
C SER B 92 5.04 13.49 -45.93
N ILE B 93 4.44 13.32 -44.75
CA ILE B 93 3.17 12.62 -44.62
C ILE B 93 2.13 13.52 -43.99
N GLY B 94 1.02 13.71 -44.70
CA GLY B 94 -0.08 14.52 -44.21
C GLY B 94 -1.41 13.88 -44.55
N LYS B 95 -2.46 14.68 -44.47
CA LYS B 95 -3.81 14.21 -44.75
C LYS B 95 -3.90 13.50 -46.09
N LYS B 96 -3.31 14.11 -47.11
CA LYS B 96 -3.39 13.57 -48.47
C LYS B 96 -2.90 12.13 -48.54
N GLU B 97 -1.79 11.85 -47.88
CA GLU B 97 -1.18 10.53 -47.94
C GLU B 97 -1.94 9.49 -47.10
N LEU B 98 -2.62 9.92 -46.04
CA LEU B 98 -3.32 9.01 -45.13
C LEU B 98 -4.77 8.73 -45.53
N GLU B 99 -5.31 9.55 -46.43
CA GLU B 99 -6.68 9.35 -46.92
C GLU B 99 -6.88 8.00 -47.57
N LYS B 100 -5.83 7.47 -48.18
CA LYS B 100 -5.93 6.20 -48.92
C LYS B 100 -6.05 4.98 -47.99
N PHE B 101 -5.83 5.17 -46.68
CA PHE B 101 -5.86 4.05 -45.74
C PHE B 101 -7.18 3.88 -45.04
N HIS B 102 -7.47 2.62 -44.71
CA HIS B 102 -8.61 2.29 -43.88
C HIS B 102 -8.19 2.53 -42.46
N LEU B 103 -8.79 3.54 -41.84
CA LEU B 103 -8.47 3.89 -40.47
C LEU B 103 -9.63 4.02 -39.51
N GLU B 104 -10.79 3.49 -39.88
CA GLU B 104 -11.98 3.62 -39.05
C GLU B 104 -11.80 2.93 -37.72
N GLY B 105 -12.12 3.65 -36.65
CA GLY B 105 -12.07 3.09 -35.31
C GLY B 105 -10.65 2.88 -34.78
N VAL B 106 -9.63 3.26 -35.53
CA VAL B 106 -8.25 3.06 -35.12
C VAL B 106 -7.95 4.03 -33.98
N GLU B 107 -7.29 3.53 -32.94
CA GLU B 107 -6.92 4.34 -31.77
C GLU B 107 -5.44 4.70 -31.74
N ARG B 108 -4.59 3.86 -32.35
CA ARG B 108 -3.15 4.06 -32.32
C ARG B 108 -2.61 3.69 -33.69
N LEU B 109 -1.75 4.52 -34.23
CA LEU B 109 -1.26 4.32 -35.59
C LEU B 109 0.26 4.43 -35.62
N LEU B 110 0.92 3.39 -36.14
CA LEU B 110 2.36 3.42 -36.37
C LEU B 110 2.66 3.54 -37.86
N LEU B 111 3.57 4.46 -38.18
CA LEU B 111 3.96 4.74 -39.56
C LEU B 111 5.35 4.20 -39.84
N ARG B 112 5.43 3.24 -40.76
CA ARG B 112 6.70 2.76 -41.28
C ARG B 112 7.13 3.64 -42.46
N THR B 113 8.11 4.51 -42.22
CA THR B 113 8.73 5.28 -43.30
C THR B 113 9.85 4.50 -43.95
N SER B 114 10.46 3.59 -43.19
CA SER B 114 11.66 2.86 -43.63
C SER B 114 12.73 3.80 -44.19
N SER B 115 12.80 5.01 -43.63
CA SER B 115 13.70 6.02 -44.15
C SER B 115 15.12 5.93 -43.56
N HIS B 116 15.25 5.44 -42.33
CA HIS B 116 16.53 5.43 -41.65
C HIS B 116 16.85 4.02 -41.14
N GLY B 117 16.35 3.66 -39.96
CA GLY B 117 16.55 2.31 -39.42
C GLY B 117 17.94 1.96 -38.91
N LYS B 118 18.80 2.95 -38.70
CA LYS B 118 20.14 2.72 -38.12
C LYS B 118 20.25 3.42 -36.76
N ALA B 119 20.06 2.64 -35.69
CA ALA B 119 19.94 3.20 -34.34
C ALA B 119 21.22 3.88 -33.87
N ASN B 120 22.36 3.47 -34.41
CA ASN B 120 23.64 4.00 -33.98
C ASN B 120 24.13 5.17 -34.85
N GLU B 121 23.28 5.64 -35.76
CA GLU B 121 23.57 6.87 -36.51
C GLU B 121 22.39 7.83 -36.43
N PHE B 122 22.67 9.12 -36.32
CA PHE B 122 21.60 10.10 -36.36
C PHE B 122 21.42 10.53 -37.82
N PRO B 123 20.18 10.49 -38.34
CA PRO B 123 19.96 10.82 -39.75
C PRO B 123 20.20 12.29 -40.08
N ASP B 124 20.48 12.57 -41.34
CA ASP B 124 20.66 13.94 -41.82
C ASP B 124 19.32 14.55 -42.23
N ILE B 125 18.41 13.71 -42.75
CA ILE B 125 17.07 14.13 -43.12
C ILE B 125 16.10 12.99 -42.84
N ILE B 126 14.86 13.32 -42.46
CA ILE B 126 13.80 12.33 -42.29
C ILE B 126 12.51 12.84 -42.92
N PRO B 127 11.57 11.93 -43.16
CA PRO B 127 10.24 12.37 -43.56
C PRO B 127 9.53 12.91 -42.32
N HIS B 128 8.92 14.07 -42.42
CA HIS B 128 8.22 14.66 -41.29
C HIS B 128 6.73 14.52 -41.52
N LEU B 129 5.96 14.81 -40.47
CA LEU B 129 4.51 14.84 -40.57
C LEU B 129 4.08 16.29 -40.75
N ARG B 130 3.15 16.52 -41.68
CA ARG B 130 2.62 17.84 -41.91
C ARG B 130 1.50 18.13 -40.93
N ALA B 131 1.34 19.41 -40.56
CA ALA B 131 0.42 19.81 -39.50
C ALA B 131 -1.04 19.37 -39.74
N ASP B 132 -1.46 19.34 -41.00
CA ASP B 132 -2.84 18.91 -41.33
C ASP B 132 -3.15 17.44 -41.03
N ILE B 133 -2.12 16.66 -40.69
CA ILE B 133 -2.33 15.32 -40.22
C ILE B 133 -3.12 15.27 -38.90
N ALA B 134 -2.95 16.29 -38.05
CA ALA B 134 -3.49 16.25 -36.69
C ALA B 134 -5.01 16.33 -36.59
N PRO B 135 -5.64 17.32 -37.25
CA PRO B 135 -7.12 17.34 -37.22
C PRO B 135 -7.71 16.10 -37.90
N PHE B 136 -7.07 15.67 -38.98
CA PHE B 136 -7.49 14.45 -39.70
C PHE B 136 -7.51 13.21 -38.79
N LEU B 137 -6.38 12.95 -38.13
CA LEU B 137 -6.27 11.78 -37.25
C LEU B 137 -7.18 11.90 -36.04
N SER B 138 -7.23 13.09 -35.45
CA SER B 138 -8.05 13.32 -34.25
C SER B 138 -9.53 13.12 -34.54
N GLU B 139 -9.97 13.57 -35.70
CA GLU B 139 -11.35 13.33 -36.14
C GLU B 139 -11.68 11.84 -36.19
N LYS B 140 -10.70 11.00 -36.55
CA LYS B 140 -10.91 9.55 -36.56
C LYS B 140 -10.85 8.89 -35.19
N GLY B 141 -10.39 9.61 -34.18
CA GLY B 141 -10.29 9.05 -32.83
C GLY B 141 -8.88 8.54 -32.49
N ILE B 142 -7.89 8.85 -33.32
CA ILE B 142 -6.54 8.37 -33.09
C ILE B 142 -5.90 9.19 -31.95
N ARG B 143 -5.39 8.48 -30.96
CA ARG B 143 -4.83 9.08 -29.75
C ARG B 143 -3.30 8.99 -29.67
N LEU B 144 -2.69 8.17 -30.51
CA LEU B 144 -1.25 8.01 -30.51
C LEU B 144 -0.75 7.77 -31.92
N ILE B 145 0.30 8.51 -32.27
CA ILE B 145 1.00 8.33 -33.53
C ILE B 145 2.43 7.92 -33.19
N GLY B 146 2.91 6.90 -33.89
CA GLY B 146 4.29 6.44 -33.75
C GLY B 146 4.99 6.48 -35.09
N VAL B 147 6.28 6.84 -35.07
CA VAL B 147 7.11 6.87 -36.28
C VAL B 147 8.42 6.13 -36.06
N ASP B 148 8.96 5.57 -37.14
CA ASP B 148 10.22 4.85 -37.10
C ASP B 148 11.43 5.74 -37.36
N VAL B 149 11.32 7.02 -36.96
CA VAL B 149 12.40 7.98 -37.05
C VAL B 149 12.41 8.81 -35.75
N PRO B 150 13.47 9.59 -35.52
CA PRO B 150 13.58 10.31 -34.22
C PRO B 150 12.60 11.43 -33.98
N SER B 151 11.93 11.91 -35.02
CA SER B 151 11.05 13.04 -34.86
C SER B 151 9.83 13.00 -35.78
N VAL B 152 8.79 13.71 -35.37
CA VAL B 152 7.66 13.98 -36.23
C VAL B 152 7.79 15.31 -37.00
N ASP B 153 8.80 16.11 -36.65
CA ASP B 153 9.11 17.35 -37.35
C ASP B 153 10.46 17.25 -38.02
N PRO B 154 10.73 18.14 -38.99
CA PRO B 154 12.05 18.13 -39.60
C PRO B 154 13.14 18.34 -38.56
N LEU B 155 14.29 17.73 -38.79
CA LEU B 155 15.36 17.73 -37.80
C LEU B 155 15.89 19.12 -37.46
N ASP B 156 15.84 20.03 -38.43
CA ASP B 156 16.37 21.39 -38.23
C ASP B 156 15.30 22.40 -37.81
N ASP B 157 14.06 21.94 -37.66
CA ASP B 157 12.94 22.82 -37.37
C ASP B 157 12.88 23.21 -35.90
N LYS B 158 12.82 24.51 -35.63
CA LYS B 158 12.72 25.01 -34.27
C LYS B 158 11.28 25.30 -33.82
N GLU B 159 10.35 25.33 -34.77
CA GLU B 159 8.95 25.62 -34.43
C GLU B 159 8.21 24.37 -33.95
N LEU B 160 8.59 23.22 -34.48
CA LEU B 160 7.98 21.94 -34.12
C LEU B 160 6.47 21.97 -34.27
N ALA B 161 6.01 22.35 -35.46
CA ALA B 161 4.59 22.48 -35.75
C ALA B 161 3.84 21.17 -35.55
N ALA B 162 4.41 20.07 -36.01
CA ALA B 162 3.75 18.76 -35.83
C ALA B 162 3.62 18.39 -34.37
N HIS B 163 4.68 18.54 -33.58
CA HIS B 163 4.59 18.25 -32.13
C HIS B 163 3.44 19.04 -31.52
N HIS B 164 3.44 20.35 -31.77
CA HIS B 164 2.43 21.24 -31.20
C HIS B 164 1.02 20.90 -31.65
N GLN B 165 0.83 20.68 -32.96
CA GLN B 165 -0.50 20.40 -33.48
C GLN B 165 -1.02 19.04 -33.00
N LEU B 166 -0.14 18.05 -32.97
CA LEU B 166 -0.55 16.73 -32.52
C LEU B 166 -1.08 16.81 -31.10
N PHE B 167 -0.29 17.39 -30.19
CA PHE B 167 -0.74 17.44 -28.79
C PHE B 167 -1.93 18.42 -28.61
N LYS B 168 -2.05 19.45 -29.45
CA LYS B 168 -3.26 20.28 -29.48
C LYS B 168 -4.52 19.46 -29.77
N HIS B 169 -4.37 18.38 -30.52
CA HIS B 169 -5.49 17.50 -30.86
C HIS B 169 -5.51 16.20 -30.06
N SER B 170 -4.83 16.22 -28.91
CA SER B 170 -4.79 15.08 -27.99
C SER B 170 -4.11 13.83 -28.54
N ILE B 171 -3.21 14.02 -29.50
CA ILE B 171 -2.49 12.91 -30.10
C ILE B 171 -1.11 12.84 -29.50
N HIS B 172 -0.83 11.70 -28.87
CA HIS B 172 0.44 11.45 -28.22
C HIS B 172 1.46 10.97 -29.23
N ILE B 173 2.74 11.03 -28.85
CA ILE B 173 3.84 10.84 -29.77
C ILE B 173 4.82 9.78 -29.30
N LEU B 174 5.10 8.83 -30.19
CA LEU B 174 6.06 7.77 -29.99
C LEU B 174 7.07 7.82 -31.14
N GLU B 175 8.36 7.85 -30.82
CA GLU B 175 9.42 8.02 -31.82
C GLU B 175 10.42 6.87 -31.74
N ASN B 176 11.09 6.63 -32.87
CA ASN B 176 12.14 5.61 -33.00
C ASN B 176 11.68 4.18 -32.78
N VAL B 177 10.45 3.84 -33.17
CA VAL B 177 10.09 2.44 -33.23
C VAL B 177 10.84 1.78 -34.38
N VAL B 178 10.97 0.46 -34.30
CA VAL B 178 11.66 -0.34 -35.31
C VAL B 178 10.62 -1.23 -35.99
N LEU B 179 10.35 -0.98 -37.27
CA LEU B 179 9.24 -1.64 -37.95
C LEU B 179 9.58 -2.42 -39.22
N ASP B 180 10.87 -2.49 -39.59
CA ASP B 180 11.19 -3.18 -40.87
C ASP B 180 10.97 -4.68 -40.83
N HIS B 181 10.92 -5.25 -39.64
CA HIS B 181 10.75 -6.68 -39.47
C HIS B 181 9.29 -7.08 -39.20
N VAL B 182 8.37 -6.12 -39.27
CA VAL B 182 6.97 -6.43 -39.00
C VAL B 182 6.07 -6.02 -40.16
N ALA B 183 5.05 -6.83 -40.38
CA ALA B 183 4.15 -6.63 -41.50
C ALA B 183 3.10 -5.60 -41.14
N ASP B 184 2.53 -4.99 -42.17
CA ASP B 184 1.41 -4.08 -41.96
C ASP B 184 0.26 -4.84 -41.34
N GLY B 185 -0.59 -4.14 -40.62
CA GLY B 185 -1.78 -4.76 -40.09
C GLY B 185 -2.08 -4.37 -38.66
N ASP B 186 -2.89 -5.20 -38.03
CA ASP B 186 -3.42 -4.89 -36.69
C ASP B 186 -2.69 -5.69 -35.63
N TYR B 187 -2.37 -4.99 -34.55
CA TYR B 187 -1.64 -5.54 -33.45
C TYR B 187 -2.19 -4.98 -32.15
N GLU B 188 -1.74 -5.55 -31.04
CA GLU B 188 -1.83 -4.88 -29.76
C GLU B 188 -0.44 -4.27 -29.50
N LEU B 189 -0.42 -3.01 -29.07
CA LEU B 189 0.82 -2.30 -28.75
C LEU B 189 0.95 -2.12 -27.24
N ILE B 190 2.20 -2.19 -26.76
CA ILE B 190 2.56 -1.71 -25.43
C ILE B 190 3.77 -0.78 -25.60
N ALA B 191 3.66 0.43 -25.07
CA ALA B 191 4.74 1.39 -25.14
C ALA B 191 4.66 2.37 -23.98
N LEU B 192 4.83 1.86 -22.77
CA LEU B 192 4.54 2.62 -21.55
C LEU B 192 5.69 3.51 -21.10
N PRO B 193 5.42 4.79 -20.82
CA PRO B 193 6.46 5.60 -20.21
C PRO B 193 6.74 5.15 -18.78
N LEU B 194 7.97 5.33 -18.36
CA LEU B 194 8.31 5.21 -16.95
C LEU B 194 7.53 6.27 -16.16
N ALA B 195 7.34 6.02 -14.87
CA ALA B 195 6.53 6.88 -14.06
C ALA B 195 7.30 8.15 -13.63
N LEU B 196 7.78 8.92 -14.60
CA LEU B 196 8.65 10.06 -14.31
C LEU B 196 7.84 11.30 -13.98
N SER B 197 7.88 11.72 -12.71
CA SER B 197 7.09 12.86 -12.25
C SER B 197 7.32 14.14 -13.03
N ASP B 198 8.57 14.43 -13.37
CA ASP B 198 8.95 15.77 -13.84
C ASP B 198 9.52 15.81 -15.24
N ALA B 199 9.53 14.68 -15.94
CA ALA B 199 10.23 14.58 -17.22
C ALA B 199 9.46 15.03 -18.45
N ASP B 200 10.25 15.36 -19.47
CA ASP B 200 9.78 15.85 -20.77
C ASP B 200 9.49 14.71 -21.75
N GLY B 201 9.66 13.46 -21.28
CA GLY B 201 9.41 12.27 -22.10
C GLY B 201 9.98 11.07 -21.38
N SER B 202 9.93 9.91 -22.01
CA SER B 202 10.48 8.71 -21.40
C SER B 202 10.93 7.72 -22.45
N PRO B 203 12.07 7.07 -22.24
CA PRO B 203 12.29 5.83 -23.00
C PRO B 203 11.22 4.81 -22.64
N VAL B 204 10.90 3.95 -23.62
CA VAL B 204 9.93 2.91 -23.43
C VAL B 204 10.44 1.62 -24.06
N ARG B 205 9.86 0.51 -23.63
CA ARG B 205 10.02 -0.74 -24.36
C ARG B 205 8.74 -0.91 -25.14
N ALA B 206 8.82 -0.63 -26.42
CA ALA B 206 7.69 -0.83 -27.32
C ALA B 206 7.72 -2.24 -27.87
N VAL B 207 6.60 -2.94 -27.69
CA VAL B 207 6.41 -4.28 -28.25
C VAL B 207 5.00 -4.40 -28.83
N ILE B 208 4.82 -5.33 -29.77
CA ILE B 208 3.54 -5.57 -30.42
C ILE B 208 3.23 -7.05 -30.56
N ARG B 209 1.93 -7.38 -30.54
CA ARG B 209 1.47 -8.75 -30.73
C ARG B 209 0.39 -8.74 -31.81
N PRO B 210 0.54 -9.59 -32.84
CA PRO B 210 -0.46 -9.62 -33.91
C PRO B 210 -1.82 -10.03 -33.41
N ILE B 211 -2.85 -9.41 -33.97
CA ILE B 211 -4.23 -9.85 -33.70
C ILE B 211 -4.41 -11.23 -34.31
N SER C 6 10.14 6.27 13.77
CA SER C 6 10.11 4.81 14.13
C SER C 6 8.69 4.24 13.97
N LYS C 7 8.58 3.02 13.49
CA LYS C 7 7.28 2.40 13.24
C LYS C 7 6.66 1.85 14.52
N TRP C 8 5.33 1.88 14.57
CA TRP C 8 4.57 1.18 15.58
C TRP C 8 4.74 -0.32 15.37
N ILE C 9 4.89 -1.05 16.48
CA ILE C 9 5.03 -2.49 16.48
C ILE C 9 3.81 -3.13 17.14
N ASP C 10 3.20 -4.09 16.45
CA ASP C 10 2.05 -4.82 16.97
C ASP C 10 2.47 -5.75 18.11
N ILE C 11 1.83 -5.61 19.27
CA ILE C 11 2.04 -6.55 20.37
C ILE C 11 0.72 -7.20 20.81
N SER C 12 -0.20 -7.35 19.85
CA SER C 12 -1.50 -7.96 20.09
C SER C 12 -1.55 -9.38 19.53
N GLN C 13 -2.36 -10.22 20.17
CA GLN C 13 -2.62 -11.57 19.68
C GLN C 13 -3.63 -11.55 18.52
N PRO C 14 -3.35 -12.28 17.43
CA PRO C 14 -4.33 -12.31 16.36
C PRO C 14 -5.64 -12.94 16.83
N LEU C 15 -6.73 -12.28 16.47
CA LEU C 15 -8.06 -12.71 16.84
C LEU C 15 -8.67 -13.47 15.66
N ASN C 16 -8.93 -14.75 15.89
CA ASN C 16 -9.55 -15.61 14.90
C ASN C 16 -10.16 -16.82 15.62
N ASN C 17 -10.86 -17.66 14.88
CA ASN C 17 -11.59 -18.77 15.47
C ASN C 17 -10.70 -19.79 16.18
N ASP C 18 -9.39 -19.76 15.94
CA ASP C 18 -8.46 -20.67 16.61
C ASP C 18 -7.91 -20.17 17.94
N ILE C 19 -8.18 -18.91 18.31
CA ILE C 19 -7.64 -18.36 19.54
C ILE C 19 -8.24 -19.07 20.75
N ALA C 20 -7.43 -19.21 21.79
CA ALA C 20 -7.87 -19.78 23.05
C ALA C 20 -8.78 -18.84 23.82
N THR C 21 -9.55 -19.40 24.74
CA THR C 21 -10.36 -18.64 25.68
C THR C 21 -10.23 -19.27 27.06
N TRP C 22 -10.71 -18.59 28.08
CA TRP C 22 -10.83 -19.20 29.41
C TRP C 22 -11.72 -20.44 29.25
N PRO C 23 -11.44 -21.52 30.02
CA PRO C 23 -12.25 -22.74 29.93
C PRO C 23 -13.74 -22.46 30.10
N GLY C 24 -14.54 -22.92 29.14
CA GLY C 24 -15.99 -22.76 29.18
C GLY C 24 -16.54 -21.41 28.69
N ASP C 25 -15.65 -20.44 28.45
CA ASP C 25 -16.03 -19.08 28.12
C ASP C 25 -16.48 -19.05 26.65
N THR C 26 -17.13 -17.97 26.22
CA THR C 26 -17.60 -17.86 24.85
C THR C 26 -16.46 -18.13 23.86
N PRO C 27 -16.61 -19.12 22.96
CA PRO C 27 -15.59 -19.27 21.93
C PRO C 27 -15.57 -18.07 20.98
N PHE C 28 -14.40 -17.71 20.48
CA PHE C 28 -14.31 -16.61 19.54
C PHE C 28 -14.93 -17.01 18.22
N SER C 29 -15.71 -16.12 17.64
CA SER C 29 -16.35 -16.36 16.36
C SER C 29 -16.37 -15.10 15.49
N TYR C 30 -15.66 -15.13 14.36
CA TYR C 30 -15.97 -14.21 13.27
C TYR C 30 -16.56 -15.00 12.11
N GLU C 31 -17.72 -14.59 11.63
CA GLU C 31 -18.34 -15.25 10.48
C GLU C 31 -18.93 -14.23 9.50
N VAL C 32 -18.86 -14.53 8.21
CA VAL C 32 -19.59 -13.81 7.17
C VAL C 32 -21.00 -14.39 7.15
N LEU C 33 -21.96 -13.63 7.64
CA LEU C 33 -23.35 -14.07 7.65
C LEU C 33 -23.97 -14.07 6.27
N TRP C 34 -23.65 -13.03 5.52
CA TRP C 34 -24.30 -12.79 4.24
C TRP C 34 -23.24 -12.20 3.33
N SER C 35 -22.89 -12.95 2.29
CA SER C 35 -21.76 -12.65 1.40
C SER C 35 -22.11 -11.54 0.42
N LYS C 36 -21.09 -10.95 -0.19
CA LYS C 36 -21.31 -9.99 -1.26
C LYS C 36 -22.13 -10.59 -2.41
N GLU C 37 -21.90 -11.85 -2.73
CA GLU C 37 -22.68 -12.55 -3.77
C GLU C 37 -24.15 -12.63 -3.39
N GLU C 38 -24.42 -12.95 -2.14
CA GLU C 38 -25.79 -13.00 -1.62
C GLU C 38 -26.46 -11.61 -1.50
N SER C 39 -25.76 -10.65 -0.94
CA SER C 39 -26.33 -9.33 -0.68
C SER C 39 -26.39 -8.46 -1.94
N GLY C 40 -25.50 -8.72 -2.89
CA GLY C 40 -25.33 -7.86 -4.03
C GLY C 40 -24.45 -6.65 -3.81
N SER C 41 -23.80 -6.52 -2.65
CA SER C 41 -22.90 -5.37 -2.46
C SER C 41 -21.80 -5.56 -1.44
N VAL C 42 -22.10 -6.19 -0.31
CA VAL C 42 -21.18 -6.25 0.82
C VAL C 42 -21.12 -7.62 1.50
N ASN C 43 -19.97 -7.90 2.08
CA ASN C 43 -19.81 -8.99 3.03
C ASN C 43 -20.23 -8.52 4.41
N VAL C 44 -21.24 -9.16 4.97
CA VAL C 44 -21.81 -8.76 6.24
C VAL C 44 -21.39 -9.76 7.28
N GLY C 45 -20.67 -9.26 8.28
CA GLY C 45 -19.98 -10.08 9.23
C GLY C 45 -20.68 -10.05 10.57
N LYS C 46 -20.33 -11.01 11.41
CA LYS C 46 -20.73 -10.97 12.79
C LYS C 46 -19.60 -11.42 13.70
N LEU C 47 -19.34 -10.64 14.74
CA LEU C 47 -18.32 -10.90 15.73
C LEU C 47 -18.99 -11.29 17.04
N THR C 48 -18.60 -12.46 17.56
CA THR C 48 -19.03 -12.93 18.87
C THR C 48 -17.79 -13.33 19.67
N MET C 49 -17.62 -12.78 20.87
CA MET C 49 -16.46 -13.12 21.68
C MET C 49 -16.65 -12.82 23.16
N SER C 50 -15.86 -13.51 23.99
CA SER C 50 -15.67 -13.07 25.37
C SER C 50 -14.83 -11.81 25.36
N ILE C 51 -15.12 -10.91 26.29
CA ILE C 51 -14.30 -9.73 26.55
C ILE C 51 -12.81 -10.08 26.79
N HIS C 52 -12.60 -11.20 27.47
CA HIS C 52 -11.27 -11.57 27.91
C HIS C 52 -10.66 -12.57 26.93
N THR C 53 -10.55 -12.15 25.68
CA THR C 53 -9.98 -12.96 24.61
C THR C 53 -8.88 -12.14 23.99
N GLY C 54 -7.73 -12.76 23.78
CA GLY C 54 -6.62 -12.10 23.15
C GLY C 54 -6.13 -10.98 24.04
N THR C 55 -5.51 -10.00 23.42
CA THR C 55 -4.95 -8.86 24.12
C THR C 55 -6.11 -7.97 24.55
N HIS C 56 -6.20 -7.68 25.85
CA HIS C 56 -7.35 -6.95 26.34
C HIS C 56 -7.07 -6.31 27.70
N ILE C 57 -7.95 -5.42 28.09
CA ILE C 57 -7.86 -4.76 29.38
C ILE C 57 -9.05 -5.15 30.25
N ASP C 58 -8.83 -5.21 31.56
CA ASP C 58 -9.87 -5.47 32.55
C ASP C 58 -10.39 -4.17 33.15
N ALA C 59 -11.70 -4.06 33.30
CA ALA C 59 -12.30 -2.98 34.09
C ALA C 59 -12.55 -3.54 35.50
N PRO C 60 -12.62 -2.66 36.52
CA PRO C 60 -12.84 -3.14 37.88
C PRO C 60 -14.15 -3.92 38.04
N PHE C 61 -15.14 -3.60 37.22
CA PHE C 61 -16.39 -4.34 37.22
C PHE C 61 -16.20 -5.86 36.99
N HIS C 62 -15.13 -6.25 36.31
CA HIS C 62 -14.81 -7.67 36.09
C HIS C 62 -14.72 -8.44 37.41
N PHE C 63 -14.18 -7.82 38.45
CA PHE C 63 -14.00 -8.50 39.75
C PHE C 63 -14.67 -7.83 40.95
N ASP C 64 -15.37 -6.73 40.71
CA ASP C 64 -16.04 -5.97 41.76
C ASP C 64 -17.35 -5.48 41.21
N ASN C 65 -18.47 -5.96 41.76
CA ASN C 65 -19.78 -5.56 41.28
C ASN C 65 -20.01 -4.06 41.29
N ASP C 66 -19.34 -3.35 42.20
CA ASP C 66 -19.48 -1.90 42.25
C ASP C 66 -18.37 -1.15 41.52
N GLY C 67 -17.51 -1.88 40.80
CA GLY C 67 -16.37 -1.26 40.12
C GLY C 67 -16.75 -0.56 38.84
N LYS C 68 -15.87 0.36 38.40
CA LYS C 68 -16.03 1.08 37.15
C LYS C 68 -16.21 0.13 35.96
N LYS C 69 -17.04 0.56 35.03
CA LYS C 69 -17.18 -0.09 33.73
C LYS C 69 -16.19 0.53 32.77
N VAL C 70 -16.01 -0.11 31.60
CA VAL C 70 -14.96 0.30 30.67
C VAL C 70 -14.99 1.77 30.32
N LEU C 71 -16.15 2.30 29.96
CA LEU C 71 -16.23 3.67 29.48
C LEU C 71 -15.88 4.69 30.57
N ASP C 72 -16.01 4.28 31.84
CA ASP C 72 -15.64 5.14 32.98
C ASP C 72 -14.11 5.25 33.14
N LEU C 73 -13.36 4.38 32.49
CA LEU C 73 -11.91 4.38 32.65
C LEU C 73 -11.25 5.55 31.91
N ASP C 74 -10.22 6.09 32.54
CA ASP C 74 -9.50 7.25 32.01
C ASP C 74 -8.62 6.84 30.82
N ILE C 75 -8.93 7.37 29.64
CA ILE C 75 -8.16 7.00 28.43
C ILE C 75 -6.68 7.39 28.48
N GLN C 76 -6.30 8.40 29.28
CA GLN C 76 -4.89 8.84 29.37
C GLN C 76 -4.02 7.71 29.88
N VAL C 77 -4.59 6.82 30.68
CA VAL C 77 -3.84 5.71 31.25
C VAL C 77 -3.30 4.77 30.18
N TYR C 78 -4.04 4.65 29.08
CA TYR C 78 -3.75 3.62 28.08
C TYR C 78 -2.92 4.12 26.88
N VAL C 79 -2.45 5.37 26.92
CA VAL C 79 -1.58 5.90 25.89
C VAL C 79 -0.42 6.64 26.56
N GLY C 80 0.80 6.28 26.21
CA GLY C 80 1.95 7.05 26.67
C GLY C 80 3.18 6.22 26.94
N PRO C 81 4.23 6.84 27.51
CA PRO C 81 5.50 6.17 27.76
C PRO C 81 5.32 4.91 28.57
N THR C 82 6.05 3.88 28.18
CA THR C 82 5.99 2.58 28.84
C THR C 82 7.38 2.00 28.88
N ARG C 83 7.64 1.24 29.94
CA ARG C 83 8.89 0.51 30.06
C ARG C 83 8.58 -0.97 29.97
N ILE C 84 9.42 -1.72 29.27
CA ILE C 84 9.30 -3.16 29.17
C ILE C 84 10.50 -3.85 29.81
N ILE C 85 10.21 -4.83 30.68
CA ILE C 85 11.26 -5.55 31.41
C ILE C 85 11.03 -7.04 31.33
N ASP C 86 12.10 -7.78 31.53
CA ASP C 86 12.08 -9.23 31.50
C ASP C 86 11.97 -9.79 32.91
N VAL C 87 10.92 -10.58 33.13
CA VAL C 87 10.73 -11.29 34.39
C VAL C 87 10.46 -12.77 34.12
N SER C 88 11.18 -13.32 33.14
CA SER C 88 11.04 -14.72 32.78
C SER C 88 11.61 -15.62 33.86
N ASN C 89 11.19 -16.88 33.84
CA ASN C 89 11.70 -17.89 34.76
C ASN C 89 11.47 -17.57 36.24
N LEU C 90 10.33 -16.94 36.53
CA LEU C 90 9.92 -16.68 37.90
C LEU C 90 8.51 -17.21 38.12
N GLU C 91 8.31 -17.97 39.20
CA GLU C 91 7.00 -18.54 39.50
C GLU C 91 5.99 -17.46 39.84
N SER C 92 6.46 -16.39 40.49
CA SER C 92 5.60 -15.24 40.74
C SER C 92 6.42 -13.97 40.90
N ILE C 93 5.78 -12.84 40.65
CA ILE C 93 6.47 -11.56 40.61
C ILE C 93 5.87 -10.61 41.63
N GLY C 94 6.69 -10.13 42.54
CA GLY C 94 6.26 -9.17 43.55
C GLY C 94 7.30 -8.09 43.74
N LYS C 95 7.19 -7.38 44.86
CA LYS C 95 8.12 -6.30 45.20
C LYS C 95 9.57 -6.77 45.11
N LYS C 96 9.85 -7.93 45.69
CA LYS C 96 11.21 -8.45 45.74
C LYS C 96 11.85 -8.53 44.37
N GLU C 97 11.10 -9.02 43.39
CA GLU C 97 11.63 -9.22 42.04
C GLU C 97 11.77 -7.91 41.25
N LEU C 98 10.95 -6.92 41.58
CA LEU C 98 10.96 -5.65 40.84
C LEU C 98 11.93 -4.63 41.43
N GLU C 99 12.42 -4.86 42.65
CA GLU C 99 13.38 -3.96 43.29
C GLU C 99 14.67 -3.83 42.49
N LYS C 100 15.06 -4.87 41.76
CA LYS C 100 16.30 -4.83 40.96
C LYS C 100 16.21 -3.94 39.71
N PHE C 101 15.02 -3.47 39.38
CA PHE C 101 14.85 -2.62 38.20
C PHE C 101 14.81 -1.15 38.59
N HIS C 102 15.36 -0.31 37.74
CA HIS C 102 15.34 1.11 37.95
C HIS C 102 14.08 1.67 37.27
N LEU C 103 13.05 1.97 38.06
CA LEU C 103 11.70 2.27 37.52
C LEU C 103 11.25 3.67 37.85
N GLU C 104 12.19 4.54 38.25
CA GLU C 104 11.83 5.91 38.58
C GLU C 104 11.28 6.62 37.34
N GLY C 105 10.16 7.33 37.51
CA GLY C 105 9.54 8.09 36.44
C GLY C 105 8.72 7.27 35.45
N VAL C 106 8.67 5.95 35.66
CA VAL C 106 7.88 5.07 34.80
C VAL C 106 6.39 5.21 35.13
N GLU C 107 5.57 5.32 34.08
CA GLU C 107 4.11 5.45 34.22
C GLU C 107 3.37 4.16 33.84
N ARG C 108 3.97 3.34 32.97
CA ARG C 108 3.34 2.11 32.46
C ARG C 108 4.42 1.06 32.36
N LEU C 109 4.12 -0.16 32.79
CA LEU C 109 5.12 -1.21 32.85
C LEU C 109 4.58 -2.50 32.25
N LEU C 110 5.29 -3.03 31.26
CA LEU C 110 4.96 -4.33 30.66
C LEU C 110 5.96 -5.37 31.10
N LEU C 111 5.45 -6.51 31.54
CA LEU C 111 6.25 -7.61 32.06
C LEU C 111 6.29 -8.77 31.07
N ARG C 112 7.48 -9.07 30.56
CA ARG C 112 7.70 -10.24 29.74
C ARG C 112 8.03 -11.44 30.62
N THR C 113 7.07 -12.33 30.80
CA THR C 113 7.33 -13.59 31.52
C THR C 113 7.86 -14.64 30.56
N SER C 114 7.52 -14.53 29.28
CA SER C 114 7.82 -15.53 28.27
C SER C 114 7.40 -16.92 28.71
N SER C 115 6.34 -17.00 29.51
CA SER C 115 5.94 -18.27 30.12
C SER C 115 5.05 -19.10 29.20
N HIS C 116 4.27 -18.44 28.34
CA HIS C 116 3.30 -19.16 27.53
C HIS C 116 3.53 -18.82 26.04
N GLY C 117 2.96 -17.72 25.58
CA GLY C 117 3.19 -17.26 24.21
C GLY C 117 2.52 -18.07 23.09
N LYS C 118 1.57 -18.92 23.43
CA LYS C 118 0.78 -19.64 22.43
C LYS C 118 -0.68 -19.19 22.48
N ALA C 119 -1.03 -18.26 21.60
CA ALA C 119 -2.35 -17.59 21.66
C ALA C 119 -3.51 -18.58 21.46
N ASN C 120 -3.24 -19.68 20.78
CA ASN C 120 -4.27 -20.64 20.43
C ASN C 120 -4.39 -21.79 21.44
N GLU C 121 -3.66 -21.70 22.56
CA GLU C 121 -3.83 -22.62 23.67
C GLU C 121 -4.01 -21.84 24.97
N PHE C 122 -4.85 -22.33 25.86
CA PHE C 122 -4.95 -21.74 27.18
C PHE C 122 -3.97 -22.44 28.11
N PRO C 123 -3.13 -21.68 28.82
CA PRO C 123 -2.13 -22.32 29.70
C PRO C 123 -2.72 -23.06 30.90
N ASP C 124 -1.97 -24.02 31.42
CA ASP C 124 -2.36 -24.74 32.62
C ASP C 124 -1.90 -24.02 33.88
N ILE C 125 -0.76 -23.34 33.79
CA ILE C 125 -0.22 -22.54 34.89
C ILE C 125 0.47 -21.31 34.32
N ILE C 126 0.42 -20.20 35.04
CA ILE C 126 1.18 -19.01 34.66
C ILE C 126 1.87 -18.40 35.88
N PRO C 127 2.86 -17.53 35.65
CA PRO C 127 3.38 -16.74 36.76
C PRO C 127 2.38 -15.67 37.11
N HIS C 128 2.07 -15.52 38.38
CA HIS C 128 1.12 -14.49 38.81
C HIS C 128 1.89 -13.34 39.46
N LEU C 129 1.18 -12.24 39.70
CA LEU C 129 1.71 -11.10 40.43
C LEU C 129 1.25 -11.19 41.88
N ARG C 130 2.16 -10.95 42.81
CA ARG C 130 1.82 -10.98 44.23
C ARG C 130 1.28 -9.63 44.64
N ALA C 131 0.39 -9.63 45.63
CA ALA C 131 -0.30 -8.40 46.06
C ALA C 131 0.62 -7.23 46.43
N ASP C 132 1.76 -7.53 47.04
CA ASP C 132 2.69 -6.46 47.45
C ASP C 132 3.30 -5.67 46.28
N ILE C 133 3.08 -6.14 45.05
CA ILE C 133 3.50 -5.40 43.88
C ILE C 133 2.77 -4.06 43.77
N ALA C 134 1.53 -4.00 44.25
CA ALA C 134 0.66 -2.84 44.01
C ALA C 134 1.05 -1.56 44.75
N PRO C 135 1.24 -1.62 46.09
CA PRO C 135 1.77 -0.41 46.75
C PRO C 135 3.13 0.02 46.21
N PHE C 136 3.99 -0.95 45.93
CA PHE C 136 5.32 -0.68 45.38
C PHE C 136 5.24 0.10 44.07
N LEU C 137 4.48 -0.42 43.12
CA LEU C 137 4.35 0.23 41.80
C LEU C 137 3.64 1.58 41.90
N SER C 138 2.58 1.62 42.68
CA SER C 138 1.81 2.84 42.86
C SER C 138 2.63 3.97 43.44
N GLU C 139 3.46 3.63 44.41
CA GLU C 139 4.38 4.61 45.01
C GLU C 139 5.29 5.24 43.94
N LYS C 140 5.68 4.45 42.94
CA LYS C 140 6.52 4.96 41.85
C LYS C 140 5.78 5.80 40.83
N GLY C 141 4.45 5.78 40.87
CA GLY C 141 3.63 6.52 39.91
C GLY C 141 3.15 5.67 38.74
N ILE C 142 3.29 4.36 38.83
CA ILE C 142 2.89 3.47 37.74
C ILE C 142 1.38 3.33 37.74
N ARG C 143 0.76 3.57 36.58
CA ARG C 143 -0.69 3.58 36.42
C ARG C 143 -1.23 2.39 35.63
N LEU C 144 -0.36 1.65 34.98
CA LEU C 144 -0.77 0.51 34.17
C LEU C 144 0.29 -0.57 34.22
N ILE C 145 -0.17 -1.80 34.41
CA ILE C 145 0.67 -2.97 34.36
C ILE C 145 0.13 -3.89 33.28
N GLY C 146 1.05 -4.40 32.45
CA GLY C 146 0.70 -5.33 31.39
C GLY C 146 1.50 -6.60 31.54
N VAL C 147 0.87 -7.74 31.24
CA VAL C 147 1.52 -9.04 31.27
C VAL C 147 1.28 -9.82 29.99
N ASP C 148 2.24 -10.68 29.63
CA ASP C 148 2.13 -11.51 28.42
C ASP C 148 1.48 -12.85 28.69
N VAL C 149 0.56 -12.88 29.66
CA VAL C 149 -0.23 -14.07 30.00
C VAL C 149 -1.69 -13.61 30.27
N PRO C 150 -2.63 -14.56 30.38
CA PRO C 150 -4.06 -14.15 30.44
C PRO C 150 -4.51 -13.51 31.74
N SER C 151 -3.72 -13.62 32.79
CA SER C 151 -4.13 -13.11 34.08
C SER C 151 -2.96 -12.59 34.91
N VAL C 152 -3.28 -11.67 35.83
CA VAL C 152 -2.33 -11.24 36.86
C VAL C 152 -2.45 -12.08 38.14
N ASP C 153 -3.48 -12.93 38.23
CA ASP C 153 -3.66 -13.85 39.35
C ASP C 153 -3.57 -15.29 38.86
N PRO C 154 -3.35 -16.24 39.79
CA PRO C 154 -3.29 -17.63 39.35
C PRO C 154 -4.60 -18.03 38.67
N LEU C 155 -4.50 -18.93 37.71
CA LEU C 155 -5.66 -19.29 36.87
C LEU C 155 -6.81 -19.90 37.67
N ASP C 156 -6.50 -20.58 38.76
CA ASP C 156 -7.53 -21.24 39.58
C ASP C 156 -7.97 -20.42 40.81
N ASP C 157 -7.43 -19.22 40.96
CA ASP C 157 -7.67 -18.40 42.15
C ASP C 157 -9.02 -17.69 42.09
N LYS C 158 -9.81 -17.83 43.14
CA LYS C 158 -11.11 -17.16 43.22
C LYS C 158 -11.06 -15.84 43.98
N GLU C 159 -9.99 -15.57 44.69
CA GLU C 159 -9.89 -14.32 45.45
C GLU C 159 -9.40 -13.14 44.59
N LEU C 160 -8.54 -13.43 43.62
CA LEU C 160 -8.02 -12.43 42.68
C LEU C 160 -7.40 -11.25 43.41
N ALA C 161 -6.47 -11.57 44.31
CA ALA C 161 -5.86 -10.57 45.16
C ALA C 161 -5.12 -9.52 44.33
N ALA C 162 -4.42 -9.96 43.30
CA ALA C 162 -3.69 -9.01 42.46
C ALA C 162 -4.61 -8.07 41.72
N HIS C 163 -5.67 -8.59 41.10
CA HIS C 163 -6.64 -7.70 40.44
C HIS C 163 -7.14 -6.63 41.41
N HIS C 164 -7.59 -7.07 42.58
CA HIS C 164 -8.16 -6.17 43.57
C HIS C 164 -7.15 -5.13 44.07
N GLN C 165 -5.95 -5.60 44.43
CA GLN C 165 -4.95 -4.69 44.98
C GLN C 165 -4.46 -3.69 43.95
N LEU C 166 -4.28 -4.15 42.71
CA LEU C 166 -3.84 -3.26 41.65
C LEU C 166 -4.82 -2.12 41.47
N PHE C 167 -6.09 -2.44 41.27
CA PHE C 167 -7.07 -1.38 41.10
C PHE C 167 -7.27 -0.52 42.38
N LYS C 168 -7.10 -1.11 43.55
CA LYS C 168 -7.13 -0.35 44.81
C LYS C 168 -6.07 0.75 44.81
N HIS C 169 -4.98 0.52 44.09
CA HIS C 169 -3.87 1.46 44.01
C HIS C 169 -3.82 2.21 42.67
N SER C 170 -4.95 2.24 41.99
CA SER C 170 -5.13 2.97 40.75
C SER C 170 -4.26 2.44 39.60
N ILE C 171 -3.90 1.16 39.66
CA ILE C 171 -3.12 0.53 38.61
C ILE C 171 -4.04 -0.31 37.72
N HIS C 172 -4.06 0.05 36.46
CA HIS C 172 -4.91 -0.59 35.46
C HIS C 172 -4.21 -1.82 34.91
N ILE C 173 -4.98 -2.68 34.25
CA ILE C 173 -4.52 -4.02 33.90
C ILE C 173 -4.70 -4.33 32.43
N LEU C 174 -3.61 -4.79 31.81
CA LEU C 174 -3.57 -5.20 30.43
C LEU C 174 -3.02 -6.61 30.37
N GLU C 175 -3.73 -7.51 29.71
CA GLU C 175 -3.39 -8.93 29.67
C GLU C 175 -3.20 -9.42 28.24
N ASN C 176 -2.40 -10.50 28.11
CA ASN C 176 -2.13 -11.15 26.83
C ASN C 176 -1.40 -10.28 25.79
N VAL C 177 -0.52 -9.40 26.21
CA VAL C 177 0.36 -8.76 25.24
C VAL C 177 1.37 -9.78 24.73
N VAL C 178 1.92 -9.52 23.54
CA VAL C 178 2.89 -10.39 22.89
C VAL C 178 4.22 -9.66 22.84
N LEU C 179 5.19 -10.16 23.58
CA LEU C 179 6.43 -9.42 23.79
C LEU C 179 7.72 -10.16 23.39
N ASP C 180 7.63 -11.38 22.86
CA ASP C 180 8.86 -12.12 22.57
C ASP C 180 9.65 -11.54 21.39
N HIS C 181 8.99 -10.75 20.55
CA HIS C 181 9.64 -10.12 19.40
C HIS C 181 10.10 -8.68 19.67
N VAL C 182 10.02 -8.22 20.91
CA VAL C 182 10.45 -6.86 21.23
C VAL C 182 11.48 -6.86 22.35
N ALA C 183 12.40 -5.92 22.25
CA ALA C 183 13.47 -5.80 23.23
C ALA C 183 13.00 -5.04 24.45
N ASP C 184 13.70 -5.26 25.56
CA ASP C 184 13.48 -4.47 26.77
C ASP C 184 13.75 -3.00 26.48
N GLY C 185 13.12 -2.12 27.24
CA GLY C 185 13.42 -0.72 27.13
C GLY C 185 12.20 0.17 27.13
N ASP C 186 12.38 1.36 26.57
CA ASP C 186 11.38 2.39 26.62
C ASP C 186 10.66 2.56 25.29
N TYR C 187 9.35 2.69 25.38
CA TYR C 187 8.51 2.81 24.23
C TYR C 187 7.39 3.76 24.54
N GLU C 188 6.64 4.12 23.51
CA GLU C 188 5.31 4.69 23.67
C GLU C 188 4.33 3.55 23.45
N LEU C 189 3.34 3.43 24.33
CA LEU C 189 2.32 2.38 24.25
C LEU C 189 0.99 2.99 23.86
N ILE C 190 0.24 2.25 23.05
CA ILE C 190 -1.19 2.51 22.84
C ILE C 190 -1.92 1.19 23.09
N ALA C 191 -2.93 1.23 23.97
CA ALA C 191 -3.72 0.04 24.25
C ALA C 191 -5.13 0.41 24.71
N LEU C 192 -5.90 1.03 23.82
CA LEU C 192 -7.13 1.70 24.20
C LEU C 192 -8.33 0.77 24.23
N PRO C 193 -9.13 0.82 25.31
CA PRO C 193 -10.38 0.06 25.30
C PRO C 193 -11.39 0.67 24.34
N LEU C 194 -12.25 -0.17 23.80
CA LEU C 194 -13.41 0.29 23.08
C LEU C 194 -14.32 1.06 24.04
N ALA C 195 -15.16 1.93 23.50
CA ALA C 195 -16.00 2.78 24.33
C ALA C 195 -17.23 2.05 24.89
N LEU C 196 -17.00 0.97 25.64
CA LEU C 196 -18.08 0.09 26.06
C LEU C 196 -18.70 0.58 27.36
N SER C 197 -19.92 1.09 27.28
CA SER C 197 -20.60 1.70 28.43
C SER C 197 -20.68 0.80 29.63
N ASP C 198 -20.97 -0.48 29.40
CA ASP C 198 -21.39 -1.36 30.48
C ASP C 198 -20.47 -2.53 30.74
N ALA C 199 -19.34 -2.60 30.05
CA ALA C 199 -18.54 -3.81 30.04
C ALA C 199 -17.52 -3.94 31.17
N ASP C 200 -17.12 -5.18 31.39
CA ASP C 200 -16.18 -5.61 32.38
C ASP C 200 -14.73 -5.55 31.87
N GLY C 201 -14.55 -5.14 30.62
CA GLY C 201 -13.22 -5.05 30.02
C GLY C 201 -13.38 -4.86 28.52
N SER C 202 -12.28 -4.86 27.78
CA SER C 202 -12.35 -4.66 26.34
C SER C 202 -11.17 -5.27 25.65
N PRO C 203 -11.39 -5.96 24.52
CA PRO C 203 -10.23 -6.21 23.68
C PRO C 203 -9.64 -4.89 23.21
N VAL C 204 -8.34 -4.91 22.96
CA VAL C 204 -7.62 -3.73 22.50
C VAL C 204 -6.63 -4.12 21.43
N ARG C 205 -6.22 -3.12 20.65
CA ARG C 205 -5.07 -3.29 19.78
C ARG C 205 -3.91 -2.61 20.47
N ALA C 206 -3.07 -3.41 21.11
CA ALA C 206 -1.89 -2.89 21.76
C ALA C 206 -0.75 -2.81 20.76
N VAL C 207 -0.16 -1.63 20.66
CA VAL C 207 1.03 -1.40 19.85
C VAL C 207 2.03 -0.55 20.62
N ILE C 208 3.29 -0.62 20.21
CA ILE C 208 4.36 0.17 20.82
C ILE C 208 5.32 0.74 19.78
N ARG C 209 5.91 1.88 20.11
CA ARG C 209 6.92 2.52 19.28
C ARG C 209 8.13 2.85 20.14
N PRO C 210 9.33 2.46 19.69
CA PRO C 210 10.53 2.74 20.51
C PRO C 210 10.76 4.22 20.67
N ILE C 211 11.16 4.68 21.86
CA ILE C 211 11.35 6.13 22.08
C ILE C 211 12.58 6.66 21.34
N SER D 6 -0.95 17.91 26.67
CA SER D 6 -2.39 18.00 26.29
C SER D 6 -3.06 16.64 26.41
N LYS D 7 -4.31 16.63 26.86
CA LYS D 7 -5.03 15.37 27.03
C LYS D 7 -5.59 14.82 25.70
N TRP D 8 -5.66 13.49 25.62
CA TRP D 8 -6.40 12.81 24.56
C TRP D 8 -7.88 13.10 24.74
N ILE D 9 -8.56 13.31 23.61
CA ILE D 9 -9.99 13.57 23.57
C ILE D 9 -10.68 12.39 22.86
N ASP D 10 -11.70 11.85 23.51
CA ASP D 10 -12.48 10.74 22.94
C ASP D 10 -13.35 11.25 21.80
N ILE D 11 -13.23 10.63 20.63
CA ILE D 11 -14.12 10.93 19.51
C ILE D 11 -14.84 9.68 19.03
N SER D 12 -15.08 8.75 19.96
CA SER D 12 -15.79 7.52 19.67
C SER D 12 -17.22 7.54 20.20
N GLN D 13 -18.11 6.82 19.52
CA GLN D 13 -19.47 6.61 19.99
C GLN D 13 -19.54 5.56 21.11
N PRO D 14 -20.28 5.87 22.21
CA PRO D 14 -20.45 4.83 23.22
C PRO D 14 -21.14 3.58 22.69
N LEU D 15 -20.57 2.42 23.00
CA LEU D 15 -21.09 1.14 22.58
C LEU D 15 -21.91 0.52 23.70
N ASN D 16 -23.18 0.33 23.44
CA ASN D 16 -24.10 -0.31 24.34
C ASN D 16 -25.33 -0.81 23.57
N ASN D 17 -26.23 -1.51 24.26
CA ASN D 17 -27.36 -2.13 23.58
C ASN D 17 -28.33 -1.14 22.92
N ASP D 18 -28.25 0.14 23.27
CA ASP D 18 -29.08 1.17 22.64
C ASP D 18 -28.51 1.76 21.33
N ILE D 19 -27.27 1.43 20.99
CA ILE D 19 -26.66 2.04 19.82
C ILE D 19 -27.41 1.58 18.56
N ALA D 20 -27.46 2.45 17.58
CA ALA D 20 -28.01 2.11 16.29
C ALA D 20 -27.10 1.16 15.50
N THR D 21 -27.70 0.46 14.54
CA THR D 21 -26.96 -0.33 13.57
C THR D 21 -27.55 -0.10 12.20
N TRP D 22 -26.84 -0.55 11.17
CA TRP D 22 -27.40 -0.60 9.83
C TRP D 22 -28.61 -1.46 9.79
N PRO D 23 -29.53 -1.09 8.89
CA PRO D 23 -30.59 -2.00 8.53
C PRO D 23 -29.94 -3.33 8.13
N GLY D 24 -30.43 -4.41 8.69
CA GLY D 24 -29.98 -5.76 8.34
C GLY D 24 -28.77 -6.27 9.09
N ASP D 25 -28.11 -5.40 9.86
CA ASP D 25 -26.97 -5.85 10.63
C ASP D 25 -27.38 -6.48 11.96
N THR D 26 -26.48 -7.31 12.46
CA THR D 26 -26.54 -7.82 13.82
C THR D 26 -26.75 -6.69 14.83
N PRO D 27 -27.77 -6.81 15.70
CA PRO D 27 -27.89 -5.82 16.75
C PRO D 27 -26.75 -5.92 17.76
N PHE D 28 -26.34 -4.78 18.33
CA PHE D 28 -25.27 -4.80 19.32
C PHE D 28 -25.76 -5.49 20.57
N SER D 29 -24.90 -6.35 21.11
CA SER D 29 -25.21 -7.03 22.35
C SER D 29 -23.98 -7.13 23.25
N TYR D 30 -24.00 -6.43 24.39
CA TYR D 30 -23.13 -6.78 25.49
C TYR D 30 -23.99 -7.40 26.59
N GLU D 31 -23.60 -8.57 27.08
CA GLU D 31 -24.25 -9.22 28.23
C GLU D 31 -23.16 -9.74 29.16
N VAL D 32 -23.49 -9.80 30.44
CA VAL D 32 -22.69 -10.52 31.40
C VAL D 32 -23.06 -12.00 31.25
N LEU D 33 -22.13 -12.81 30.75
CA LEU D 33 -22.35 -14.24 30.60
C LEU D 33 -22.39 -14.93 31.95
N TRP D 34 -21.35 -14.65 32.75
CA TRP D 34 -21.19 -15.24 34.08
C TRP D 34 -21.10 -14.07 35.03
N SER D 35 -22.02 -14.05 35.98
CA SER D 35 -21.91 -13.08 37.02
C SER D 35 -20.89 -13.53 38.05
N LYS D 36 -20.43 -12.58 38.83
CA LYS D 36 -19.54 -12.88 39.95
C LYS D 36 -20.19 -13.84 40.95
N GLU D 37 -21.49 -13.70 41.15
CA GLU D 37 -22.24 -14.65 42.01
C GLU D 37 -22.15 -16.06 41.46
N GLU D 38 -22.37 -16.20 40.16
CA GLU D 38 -22.28 -17.50 39.52
C GLU D 38 -20.88 -18.10 39.43
N SER D 39 -19.89 -17.29 39.05
CA SER D 39 -18.53 -17.78 38.86
C SER D 39 -17.78 -17.91 40.17
N GLY D 40 -18.21 -17.16 41.18
CA GLY D 40 -17.49 -17.12 42.45
C GLY D 40 -16.31 -16.16 42.45
N SER D 41 -16.12 -15.38 41.39
CA SER D 41 -14.99 -14.43 41.41
C SER D 41 -15.13 -13.25 40.47
N VAL D 42 -15.65 -13.47 39.26
CA VAL D 42 -15.64 -12.44 38.23
C VAL D 42 -16.94 -12.31 37.45
N ASN D 43 -17.19 -11.10 37.00
CA ASN D 43 -18.17 -10.83 35.97
C ASN D 43 -17.49 -10.96 34.62
N VAL D 44 -17.99 -11.88 33.79
CA VAL D 44 -17.41 -12.13 32.49
C VAL D 44 -18.39 -11.75 31.39
N GLY D 45 -17.98 -10.83 30.52
CA GLY D 45 -18.87 -10.34 29.46
C GLY D 45 -18.77 -11.10 28.13
N LYS D 46 -19.86 -11.08 27.38
CA LYS D 46 -19.92 -11.65 26.02
C LYS D 46 -20.36 -10.54 25.09
N LEU D 47 -19.60 -10.35 24.02
CA LEU D 47 -19.84 -9.28 23.09
C LEU D 47 -20.26 -9.91 21.75
N THR D 48 -21.39 -9.47 21.22
CA THR D 48 -21.86 -9.83 19.90
C THR D 48 -22.20 -8.56 19.13
N MET D 49 -21.62 -8.39 17.94
CA MET D 49 -21.86 -7.15 17.20
C MET D 49 -21.53 -7.30 15.73
N SER D 50 -22.12 -6.45 14.92
CA SER D 50 -21.60 -6.18 13.60
C SER D 50 -20.35 -5.36 13.78
N ILE D 51 -19.35 -5.59 12.94
CA ILE D 51 -18.21 -4.74 13.07
C ILE D 51 -18.51 -3.30 12.67
N HIS D 52 -19.55 -3.02 11.89
CA HIS D 52 -19.88 -1.64 11.48
C HIS D 52 -20.86 -0.98 12.46
N THR D 53 -20.48 -0.99 13.72
CA THR D 53 -21.30 -0.45 14.80
C THR D 53 -20.44 0.54 15.51
N GLY D 54 -20.98 1.73 15.73
CA GLY D 54 -20.24 2.78 16.39
C GLY D 54 -19.06 3.21 15.54
N THR D 55 -18.04 3.74 16.20
CA THR D 55 -16.85 4.25 15.53
C THR D 55 -16.02 3.06 15.07
N HIS D 56 -15.72 2.98 13.77
CA HIS D 56 -15.07 1.81 13.25
C HIS D 56 -14.38 2.09 11.94
N ILE D 57 -13.55 1.15 11.54
CA ILE D 57 -12.87 1.22 10.25
C ILE D 57 -13.36 0.09 9.36
N ASP D 58 -13.40 0.37 8.06
CA ASP D 58 -13.76 -0.63 7.05
C ASP D 58 -12.48 -1.23 6.49
N ALA D 59 -12.48 -2.55 6.34
CA ALA D 59 -11.45 -3.20 5.54
C ALA D 59 -11.99 -3.34 4.12
N PRO D 60 -11.11 -3.38 3.12
CA PRO D 60 -11.57 -3.56 1.74
C PRO D 60 -12.44 -4.81 1.54
N PHE D 61 -12.19 -5.87 2.32
CA PHE D 61 -12.99 -7.09 2.23
C PHE D 61 -14.48 -6.84 2.41
N HIS D 62 -14.83 -5.78 3.13
CA HIS D 62 -16.23 -5.39 3.30
C HIS D 62 -16.97 -5.24 1.95
N PHE D 63 -16.31 -4.62 0.98
CA PHE D 63 -16.95 -4.31 -0.29
C PHE D 63 -16.29 -4.95 -1.51
N ASP D 64 -15.21 -5.72 -1.27
CA ASP D 64 -14.49 -6.38 -2.33
C ASP D 64 -14.06 -7.74 -1.83
N ASN D 65 -14.57 -8.80 -2.46
CA ASN D 65 -14.25 -10.15 -2.03
C ASN D 65 -12.78 -10.45 -1.99
N ASP D 66 -12.00 -9.78 -2.83
CA ASP D 66 -10.56 -10.03 -2.87
C ASP D 66 -9.76 -8.99 -2.09
N GLY D 67 -10.45 -8.14 -1.34
CA GLY D 67 -9.80 -7.09 -0.58
C GLY D 67 -9.20 -7.58 0.72
N LYS D 68 -8.26 -6.79 1.23
CA LYS D 68 -7.60 -7.10 2.50
C LYS D 68 -8.58 -7.25 3.64
N LYS D 69 -8.27 -8.17 4.54
CA LYS D 69 -8.96 -8.32 5.81
C LYS D 69 -8.29 -7.38 6.81
N VAL D 70 -8.93 -7.19 7.96
CA VAL D 70 -8.47 -6.20 8.94
C VAL D 70 -7.02 -6.34 9.36
N LEU D 71 -6.60 -7.56 9.69
CA LEU D 71 -5.24 -7.76 10.19
C LEU D 71 -4.19 -7.45 9.13
N ASP D 72 -4.59 -7.52 7.84
CA ASP D 72 -3.67 -7.23 6.74
C ASP D 72 -3.42 -5.72 6.59
N LEU D 73 -4.26 -4.91 7.23
CA LEU D 73 -4.12 -3.46 7.08
C LEU D 73 -2.90 -2.92 7.82
N ASP D 74 -2.26 -1.94 7.21
CA ASP D 74 -1.09 -1.29 7.77
C ASP D 74 -1.44 -0.41 8.98
N ILE D 75 -0.96 -0.80 10.16
CA ILE D 75 -1.29 -0.05 11.39
C ILE D 75 -0.78 1.40 11.40
N GLN D 76 0.28 1.69 10.64
CA GLN D 76 0.85 3.04 10.62
C GLN D 76 -0.16 4.07 10.11
N VAL D 77 -1.08 3.63 9.24
CA VAL D 77 -2.11 4.49 8.67
C VAL D 77 -3.00 5.09 9.77
N TYR D 78 -3.23 4.32 10.84
CA TYR D 78 -4.24 4.64 11.83
C TYR D 78 -3.73 5.38 13.07
N VAL D 79 -2.45 5.76 13.05
CA VAL D 79 -1.86 6.56 14.15
C VAL D 79 -0.99 7.66 13.55
N GLY D 80 -1.28 8.91 13.92
CA GLY D 80 -0.42 10.01 13.51
C GLY D 80 -1.18 11.30 13.25
N PRO D 81 -0.46 12.31 12.71
CA PRO D 81 -1.03 13.63 12.47
C PRO D 81 -2.28 13.58 11.61
N THR D 82 -3.25 14.38 12.01
CA THR D 82 -4.53 14.43 11.34
C THR D 82 -5.01 15.86 11.33
N ARG D 83 -5.71 16.24 10.26
CA ARG D 83 -6.35 17.55 10.16
C ARG D 83 -7.86 17.33 10.22
N ILE D 84 -8.55 18.22 10.92
CA ILE D 84 -10.01 18.16 11.03
C ILE D 84 -10.62 19.43 10.45
N ILE D 85 -11.58 19.26 9.55
CA ILE D 85 -12.21 20.38 8.86
C ILE D 85 -13.72 20.26 8.89
N ASP D 86 -14.37 21.41 8.73
CA ASP D 86 -15.81 21.49 8.73
C ASP D 86 -16.37 21.49 7.32
N VAL D 87 -17.24 20.52 7.05
CA VAL D 87 -17.94 20.44 5.79
C VAL D 87 -19.45 20.26 6.04
N SER D 88 -19.96 20.96 7.04
CA SER D 88 -21.37 20.91 7.36
C SER D 88 -22.22 21.59 6.30
N ASN D 89 -23.51 21.26 6.30
CA ASN D 89 -24.48 21.90 5.41
C ASN D 89 -24.17 21.72 3.93
N LEU D 90 -23.62 20.55 3.60
CA LEU D 90 -23.36 20.19 2.21
C LEU D 90 -23.99 18.84 1.93
N GLU D 91 -24.75 18.75 0.84
CA GLU D 91 -25.43 17.49 0.49
C GLU D 91 -24.42 16.42 0.11
N SER D 92 -23.31 16.84 -0.51
CA SER D 92 -22.21 15.91 -0.78
C SER D 92 -20.89 16.65 -0.88
N ILE D 93 -19.80 15.91 -0.64
CA ILE D 93 -18.47 16.51 -0.56
C ILE D 93 -17.55 15.87 -1.59
N GLY D 94 -16.98 16.71 -2.45
CA GLY D 94 -16.05 16.26 -3.46
C GLY D 94 -14.91 17.24 -3.62
N LYS D 95 -14.20 17.12 -4.73
CA LYS D 95 -13.05 17.96 -5.01
C LYS D 95 -13.37 19.43 -4.86
N LYS D 96 -14.50 19.84 -5.41
CA LYS D 96 -14.90 21.25 -5.43
C LYS D 96 -14.92 21.82 -4.02
N GLU D 97 -15.50 21.06 -3.08
CA GLU D 97 -15.67 21.54 -1.71
C GLU D 97 -14.36 21.56 -0.92
N LEU D 98 -13.43 20.67 -1.27
CA LEU D 98 -12.17 20.52 -0.52
C LEU D 98 -11.04 21.41 -1.05
N GLU D 99 -11.21 21.94 -2.25
CA GLU D 99 -10.21 22.84 -2.84
C GLU D 99 -9.94 24.07 -2.00
N LYS D 100 -10.95 24.54 -1.28
CA LYS D 100 -10.81 25.77 -0.51
C LYS D 100 -9.98 25.57 0.77
N PHE D 101 -9.65 24.32 1.14
CA PHE D 101 -8.93 24.08 2.38
C PHE D 101 -7.44 23.98 2.18
N HIS D 102 -6.71 24.36 3.23
CA HIS D 102 -5.28 24.13 3.31
C HIS D 102 -5.05 22.69 3.68
N LEU D 103 -4.55 21.89 2.74
CA LEU D 103 -4.30 20.47 3.00
C LEU D 103 -2.91 19.96 2.65
N GLU D 104 -1.96 20.88 2.50
CA GLU D 104 -0.61 20.50 2.09
C GLU D 104 0.06 19.63 3.14
N GLY D 105 0.61 18.51 2.69
CA GLY D 105 1.32 17.59 3.59
C GLY D 105 0.43 16.80 4.55
N VAL D 106 -0.88 16.96 4.46
CA VAL D 106 -1.81 16.26 5.36
C VAL D 106 -1.81 14.77 5.02
N GLU D 107 -1.76 13.92 6.04
CA GLU D 107 -1.78 12.45 5.88
C GLU D 107 -3.12 11.82 6.22
N ARG D 108 -3.87 12.45 7.12
CA ARG D 108 -5.13 11.90 7.60
C ARG D 108 -6.09 13.07 7.71
N LEU D 109 -7.32 12.89 7.25
CA LEU D 109 -8.29 13.97 7.23
C LEU D 109 -9.62 13.51 7.82
N LEU D 110 -10.11 14.24 8.82
CA LEU D 110 -11.45 13.98 9.37
C LEU D 110 -12.42 15.08 8.95
N LEU D 111 -13.60 14.67 8.47
CA LEU D 111 -14.62 15.58 7.97
C LEU D 111 -15.80 15.67 8.93
N ARG D 112 -16.03 16.86 9.47
CA ARG D 112 -17.19 17.13 10.28
C ARG D 112 -18.32 17.58 9.38
N THR D 113 -19.28 16.70 9.15
CA THR D 113 -20.52 17.07 8.47
C THR D 113 -21.55 17.65 9.44
N SER D 114 -21.47 17.26 10.70
CA SER D 114 -22.46 17.64 11.73
C SER D 114 -23.87 17.37 11.26
N SER D 115 -24.03 16.33 10.44
CA SER D 115 -25.33 16.05 9.84
C SER D 115 -26.22 15.20 10.73
N HIS D 116 -25.63 14.35 11.56
CA HIS D 116 -26.41 13.41 12.35
C HIS D 116 -26.03 13.54 13.83
N GLY D 117 -24.98 12.85 14.27
CA GLY D 117 -24.52 12.94 15.66
C GLY D 117 -25.38 12.29 16.73
N LYS D 118 -26.33 11.43 16.34
CA LYS D 118 -27.13 10.68 17.31
C LYS D 118 -26.83 9.18 17.20
N ALA D 119 -25.96 8.70 18.09
CA ALA D 119 -25.41 7.34 17.98
C ALA D 119 -26.48 6.26 18.13
N ASN D 120 -27.57 6.59 18.81
CA ASN D 120 -28.64 5.61 19.08
C ASN D 120 -29.77 5.66 18.05
N GLU D 121 -29.60 6.44 16.98
CA GLU D 121 -30.52 6.41 15.84
C GLU D 121 -29.74 6.24 14.55
N PHE D 122 -30.30 5.47 13.61
CA PHE D 122 -29.70 5.36 12.30
C PHE D 122 -30.31 6.44 11.40
N PRO D 123 -29.47 7.25 10.72
CA PRO D 123 -30.01 8.35 9.91
C PRO D 123 -30.79 7.88 8.68
N ASP D 124 -31.67 8.74 8.19
CA ASP D 124 -32.43 8.47 6.97
C ASP D 124 -31.67 8.93 5.73
N ILE D 125 -30.89 10.00 5.88
CA ILE D 125 -30.02 10.51 4.81
C ILE D 125 -28.74 11.07 5.41
N ILE D 126 -27.63 10.94 4.70
CA ILE D 126 -26.37 11.56 5.10
C ILE D 126 -25.70 12.23 3.91
N PRO D 127 -24.76 13.14 4.17
CA PRO D 127 -23.94 13.64 3.09
C PRO D 127 -22.93 12.56 2.71
N HIS D 128 -22.79 12.29 1.43
CA HIS D 128 -21.85 11.28 0.96
C HIS D 128 -20.64 11.98 0.35
N LEU D 129 -19.59 11.20 0.10
CA LEU D 129 -18.41 11.68 -0.59
C LEU D 129 -18.53 11.31 -2.06
N ARG D 130 -18.23 12.26 -2.94
CA ARG D 130 -18.25 12.01 -4.37
C ARG D 130 -16.95 11.38 -4.81
N ALA D 131 -17.02 10.56 -5.84
CA ALA D 131 -15.88 9.73 -6.26
C ALA D 131 -14.63 10.56 -6.62
N ASP D 132 -14.81 11.77 -7.17
CA ASP D 132 -13.67 12.64 -7.51
C ASP D 132 -12.87 13.16 -6.31
N ILE D 133 -13.37 12.93 -5.10
CA ILE D 133 -12.60 13.21 -3.89
C ILE D 133 -11.33 12.36 -3.79
N ALA D 134 -11.37 11.14 -4.34
CA ALA D 134 -10.29 10.17 -4.12
C ALA D 134 -8.97 10.51 -4.83
N PRO D 135 -9.01 10.82 -6.15
CA PRO D 135 -7.76 11.23 -6.81
C PRO D 135 -7.22 12.53 -6.21
N PHE D 136 -8.13 13.44 -5.87
CA PHE D 136 -7.74 14.71 -5.25
C PHE D 136 -6.98 14.51 -3.94
N LEU D 137 -7.56 13.74 -3.03
CA LEU D 137 -6.94 13.49 -1.73
C LEU D 137 -5.65 12.69 -1.85
N SER D 138 -5.67 11.68 -2.70
CA SER D 138 -4.51 10.83 -2.90
C SER D 138 -3.32 11.62 -3.45
N GLU D 139 -3.59 12.53 -4.37
CA GLU D 139 -2.56 13.42 -4.92
C GLU D 139 -1.88 14.25 -3.83
N LYS D 140 -2.63 14.63 -2.81
CA LYS D 140 -2.07 15.34 -1.67
C LYS D 140 -1.32 14.49 -0.67
N GLY D 141 -1.47 13.18 -0.76
CA GLY D 141 -0.77 12.26 0.16
C GLY D 141 -1.64 11.76 1.29
N ILE D 142 -2.94 12.02 1.21
CA ILE D 142 -3.85 11.62 2.27
C ILE D 142 -4.12 10.11 2.20
N ARG D 143 -3.89 9.42 3.32
CA ARG D 143 -3.99 7.96 3.42
C ARG D 143 -5.23 7.48 4.18
N LEU D 144 -5.91 8.39 4.88
CA LEU D 144 -7.06 8.03 5.68
C LEU D 144 -8.05 9.17 5.65
N ILE D 145 -9.31 8.82 5.42
CA ILE D 145 -10.41 9.75 5.50
C ILE D 145 -11.38 9.23 6.58
N GLY D 146 -11.80 10.15 7.44
CA GLY D 146 -12.78 9.84 8.48
C GLY D 146 -13.98 10.73 8.34
N VAL D 147 -15.17 10.19 8.62
CA VAL D 147 -16.41 10.95 8.58
C VAL D 147 -17.24 10.72 9.85
N ASP D 148 -18.02 11.73 10.22
CA ASP D 148 -18.87 11.65 11.42
C ASP D 148 -20.27 11.09 11.12
N VAL D 149 -20.36 10.23 10.13
CA VAL D 149 -21.59 9.55 9.75
C VAL D 149 -21.25 8.09 9.45
N PRO D 150 -22.27 7.23 9.31
CA PRO D 150 -21.99 5.79 9.19
C PRO D 150 -21.37 5.33 7.88
N SER D 151 -21.40 6.17 6.85
CA SER D 151 -20.90 5.77 5.57
C SER D 151 -20.29 6.91 4.76
N VAL D 152 -19.41 6.56 3.84
CA VAL D 152 -18.90 7.50 2.85
C VAL D 152 -19.74 7.51 1.57
N ASP D 153 -20.65 6.56 1.46
CA ASP D 153 -21.58 6.48 0.33
C ASP D 153 -23.01 6.71 0.80
N PRO D 154 -23.92 7.05 -0.13
CA PRO D 154 -25.30 7.18 0.28
C PRO D 154 -25.83 5.89 0.91
N LEU D 155 -26.74 6.04 1.86
CA LEU D 155 -27.22 4.90 2.64
C LEU D 155 -27.91 3.83 1.81
N ASP D 156 -28.55 4.25 0.72
CA ASP D 156 -29.30 3.31 -0.13
C ASP D 156 -28.48 2.82 -1.32
N ASP D 157 -27.22 3.24 -1.43
CA ASP D 157 -26.39 2.92 -2.58
C ASP D 157 -25.79 1.52 -2.46
N LYS D 158 -26.00 0.70 -3.48
CA LYS D 158 -25.45 -0.66 -3.50
C LYS D 158 -24.13 -0.77 -4.24
N GLU D 159 -23.75 0.26 -4.99
CA GLU D 159 -22.50 0.23 -5.76
C GLU D 159 -21.29 0.64 -4.91
N LEU D 160 -21.53 1.51 -3.93
CA LEU D 160 -20.49 1.98 -3.02
C LEU D 160 -19.29 2.54 -3.78
N ALA D 161 -19.56 3.49 -4.66
CA ALA D 161 -18.53 4.10 -5.50
C ALA D 161 -17.44 4.76 -4.67
N ALA D 162 -17.82 5.49 -3.62
CA ALA D 162 -16.79 6.14 -2.78
C ALA D 162 -15.88 5.12 -2.07
N HIS D 163 -16.46 4.06 -1.49
CA HIS D 163 -15.65 3.02 -0.83
C HIS D 163 -14.61 2.48 -1.82
N HIS D 164 -15.08 2.11 -3.01
CA HIS D 164 -14.24 1.51 -4.03
C HIS D 164 -13.16 2.48 -4.51
N GLN D 165 -13.54 3.73 -4.80
CA GLN D 165 -12.57 4.70 -5.33
C GLN D 165 -11.54 5.10 -4.27
N LEU D 166 -11.99 5.25 -3.03
CA LEU D 166 -11.05 5.55 -1.95
C LEU D 166 -9.97 4.48 -1.87
N PHE D 167 -10.38 3.23 -1.78
CA PHE D 167 -9.44 2.11 -1.72
C PHE D 167 -8.56 2.02 -2.96
N LYS D 168 -9.16 2.29 -4.12
CA LYS D 168 -8.46 2.34 -5.42
C LYS D 168 -7.31 3.37 -5.40
N HIS D 169 -7.41 4.36 -4.51
CA HIS D 169 -6.37 5.36 -4.32
C HIS D 169 -5.65 5.27 -2.99
N SER D 170 -5.67 4.09 -2.37
CA SER D 170 -4.94 3.82 -1.14
C SER D 170 -5.38 4.65 0.05
N ILE D 171 -6.64 5.08 0.02
CA ILE D 171 -7.22 5.84 1.14
C ILE D 171 -8.08 4.93 2.00
N HIS D 172 -7.73 4.82 3.27
CA HIS D 172 -8.43 4.02 4.24
C HIS D 172 -9.61 4.79 4.82
N ILE D 173 -10.55 4.06 5.44
CA ILE D 173 -11.86 4.61 5.79
C ILE D 173 -12.19 4.41 7.27
N LEU D 174 -12.54 5.52 7.92
CA LEU D 174 -12.97 5.55 9.31
C LEU D 174 -14.35 6.20 9.35
N GLU D 175 -15.30 5.55 9.99
CA GLU D 175 -16.70 6.02 10.01
C GLU D 175 -17.19 6.20 11.45
N ASN D 176 -18.22 7.05 11.59
CA ASN D 176 -18.87 7.31 12.86
C ASN D 176 -17.97 7.92 13.94
N VAL D 177 -17.01 8.75 13.55
CA VAL D 177 -16.33 9.55 14.57
C VAL D 177 -17.30 10.59 15.11
N VAL D 178 -17.00 11.09 16.31
CA VAL D 178 -17.81 12.10 16.96
C VAL D 178 -16.98 13.37 17.03
N LEU D 179 -17.39 14.41 16.29
CA LEU D 179 -16.58 15.61 16.15
C LEU D 179 -17.26 16.91 16.55
N ASP D 180 -18.49 16.85 17.04
CA ASP D 180 -19.22 18.04 17.38
C ASP D 180 -18.63 18.81 18.56
N HIS D 181 -17.84 18.15 19.38
CA HIS D 181 -17.19 18.78 20.55
C HIS D 181 -15.72 19.17 20.33
N VAL D 182 -15.22 19.04 19.10
CA VAL D 182 -13.82 19.37 18.84
C VAL D 182 -13.72 20.44 17.77
N ALA D 183 -12.73 21.28 17.92
CA ALA D 183 -12.50 22.40 17.01
C ALA D 183 -11.72 21.92 15.81
N ASP D 184 -11.87 22.64 14.71
CA ASP D 184 -11.06 22.39 13.53
C ASP D 184 -9.59 22.56 13.86
N GLY D 185 -8.74 21.87 13.14
CA GLY D 185 -7.31 22.04 13.30
C GLY D 185 -6.52 20.75 13.26
N ASP D 186 -5.31 20.82 13.79
CA ASP D 186 -4.36 19.72 13.73
C ASP D 186 -4.28 18.98 15.04
N TYR D 187 -4.27 17.66 14.93
CA TYR D 187 -4.22 16.78 16.07
C TYR D 187 -3.36 15.58 15.74
N GLU D 188 -3.07 14.79 16.77
CA GLU D 188 -2.60 13.43 16.58
C GLU D 188 -3.82 12.53 16.75
N LEU D 189 -4.00 11.59 15.81
CA LEU D 189 -5.12 10.65 15.83
C LEU D 189 -4.61 9.27 16.22
N ILE D 190 -5.42 8.54 16.98
CA ILE D 190 -5.29 7.10 17.17
C ILE D 190 -6.63 6.47 16.85
N ALA D 191 -6.66 5.50 15.94
CA ALA D 191 -7.88 4.81 15.60
C ALA D 191 -7.58 3.40 15.09
N LEU D 192 -7.05 2.57 15.98
CA LEU D 192 -6.48 1.27 15.58
C LEU D 192 -7.52 0.16 15.50
N PRO D 193 -7.50 -0.61 14.41
CA PRO D 193 -8.37 -1.79 14.37
C PRO D 193 -7.86 -2.90 15.31
N LEU D 194 -8.79 -3.68 15.86
CA LEU D 194 -8.44 -4.90 16.56
C LEU D 194 -7.75 -5.85 15.58
N ALA D 195 -6.98 -6.79 16.11
CA ALA D 195 -6.15 -7.66 15.29
C ALA D 195 -6.98 -8.80 14.71
N LEU D 196 -8.03 -8.47 13.95
CA LEU D 196 -8.98 -9.47 13.45
C LEU D 196 -8.51 -10.09 12.15
N SER D 197 -8.10 -11.36 12.21
CA SER D 197 -7.53 -12.05 11.05
C SER D 197 -8.42 -12.03 9.81
N ASP D 198 -9.71 -12.23 10.01
CA ASP D 198 -10.58 -12.55 8.90
C ASP D 198 -11.71 -11.54 8.67
N ALA D 199 -11.72 -10.44 9.42
CA ALA D 199 -12.86 -9.52 9.42
C ALA D 199 -12.86 -8.48 8.30
N ASP D 200 -14.07 -7.97 8.06
CA ASP D 200 -14.40 -6.97 7.05
C ASP D 200 -14.24 -5.54 7.59
N GLY D 201 -13.83 -5.40 8.85
CA GLY D 201 -13.63 -4.10 9.49
C GLY D 201 -13.44 -4.31 11.00
N SER D 202 -13.34 -3.23 11.76
CA SER D 202 -13.21 -3.34 13.19
C SER D 202 -13.73 -2.14 13.90
N PRO D 203 -14.44 -2.34 15.03
CA PRO D 203 -14.63 -1.21 15.89
C PRO D 203 -13.27 -0.72 16.39
N VAL D 204 -13.18 0.58 16.65
CA VAL D 204 -11.96 1.19 17.15
C VAL D 204 -12.31 2.15 18.29
N ARG D 205 -11.33 2.44 19.12
CA ARG D 205 -11.41 3.59 20.00
C ARG D 205 -10.62 4.69 19.33
N ALA D 206 -11.34 5.63 18.72
CA ALA D 206 -10.73 6.78 18.09
C ALA D 206 -10.59 7.88 19.14
N VAL D 207 -9.36 8.38 19.29
CA VAL D 207 -9.07 9.52 20.14
C VAL D 207 -8.13 10.48 19.41
N ILE D 208 -8.13 11.74 19.83
CA ILE D 208 -7.25 12.75 19.28
C ILE D 208 -6.63 13.62 20.38
N ARG D 209 -5.45 14.13 20.09
CA ARG D 209 -4.76 15.08 20.97
C ARG D 209 -4.32 16.29 20.16
N PRO D 210 -4.67 17.51 20.63
CA PRO D 210 -4.27 18.70 19.86
C PRO D 210 -2.76 18.85 19.76
N ILE D 211 -2.29 19.30 18.61
CA ILE D 211 -0.86 19.57 18.45
C ILE D 211 -0.49 20.72 19.39
ZN ZN E . 16.99 -7.49 -6.54
ZN ZN F . 17.05 -4.80 -8.05
MG MG G . 11.42 29.42 -30.45
C1 DIO H . -2.41 -6.04 -24.41
C2 DIO H . -1.04 -6.96 -22.60
C1' DIO H . -3.51 -6.88 -23.86
C2' DIO H . -2.08 -8.00 -22.26
O1 DIO H . -1.60 -5.80 -23.33
O1' DIO H . -3.11 -8.12 -23.27
O1 GXT I . -8.53 -16.99 -9.25
C1 GXT I . -8.40 -16.15 -8.09
C GXT I . -8.93 -14.79 -8.44
O GXT I . -9.53 -14.27 -7.23
O1 GXT J . -1.93 -27.67 -12.49
C1 GXT J . -3.10 -28.19 -13.13
C GXT J . -4.30 -27.27 -12.95
O GXT J . -5.08 -27.85 -11.89
MG MG K . 33.13 -14.03 -17.80
MG MG L . -8.23 -14.13 -1.79
ZN ZN M . 9.72 14.41 -30.65
ZN ZN N . 11.48 12.86 -28.67
ZN ZN O . -7.69 -10.19 34.38
ZN ZN P . -9.15 -10.14 31.64
MG MG Q . -23.71 -5.40 -6.58
MG MG R . -16.95 -2.28 47.47
ZN ZN S . -18.25 2.01 5.13
ZN ZN T . -18.43 0.59 7.85
C1 DIO U . 2.71 8.98 20.28
C2 DIO U . 0.60 8.16 20.74
C1' DIO U . 2.19 9.80 19.08
C2' DIO U . 0.13 8.62 19.35
O1 DIO U . 1.61 9.06 21.23
O1' DIO U . 0.73 9.90 19.02
O1 GXT V . -24.60 7.76 23.25
C1 GXT V . -24.16 9.06 22.81
C GXT V . -23.17 9.60 23.83
O GXT V . -23.39 11.00 23.86
#